data_8CXC
#
_entry.id   8CXC
#
_cell.length_a   185.303
_cell.length_b   204.175
_cell.length_c   123.114
_cell.angle_alpha   90.000
_cell.angle_beta   90.000
_cell.angle_gamma   90.000
#
_symmetry.space_group_name_H-M   'C 2 2 2'
#
loop_
_entity.id
_entity.type
_entity.pdbx_description
1 polymer '3F2 Antibody light chain'
2 polymer '3F2 Antibody heavy chain'
3 polymer 'Mesothelin, cleaved form'
4 polymer 'scFv Amatuximab'
#
loop_
_entity_poly.entity_id
_entity_poly.type
_entity_poly.pdbx_seq_one_letter_code
_entity_poly.pdbx_strand_id
1 'polypeptide(L)'
;DIQMTQSPSSLSASVGDRVTITCRSSQGIGSWLAWYQQKPEKAPQSLIYAASSLQSGVPSRFSGSGSGTDFTLTISNLQP
EDFATYYCQQYNSYPLTFGGGTKVEIKRADAAPTVSIFPPSSEQLTSGGASVVCFLNNFYPKDINVKWKIDGSERQNGVL
NSWTDQDSKDSTYSMSSTLTLTKDEYERHNSYTCEATHKTSTSPIVKSFNRNE
;
L
2 'polypeptide(L)'
;EEVQLLESGGGLVQPGGSLRLSCAASGLTFRSYAMTWVRQAPGKGLEWVSGISVSGGITYYADSVKGRFTISRDNSKNTL
YLQMNSLRAEDTAVYYCAKRGAAVGSFDYWGQGTLVTVSSAKTTAPSVYPLAPVTTGSSVTLGCLVKGYFPEPVTLTWNS
GSLSSGVHTFPAVLQSDLYTLSSSVTVTSSTWPSQSITCNVAHPASSTKVDKKIEPRG
;
H
3 'polypeptide(L)'
;EVEKTACPSGKKAREIDESLIFYKKWELEACVDAALLATQMDRVNAIPFTYEQLDVLKHKLDELYPQGYPESVIQHLGYL
FLKMSPEDIRKWNVTSLETLKALLEVNKGHEMSPQAPRRPLPQVATLIDRFVKGRGQLDKDTLDTLTAFYPGYLCSLSPE
ELSSVPPSSIWAVRPQDLDTCDPRQLDVLYPKARLAFQNMNGSEYFVKIQSFLGGAPTEDLKALSQQNVSMDLATFMKLR
TDAVLPLTVAEVQKLLGPHVEGLKAEERHRPVRDWILRQRQDDLDTLGLGLQGGIPNGYLVLDLSMQEALGSGLNDIFEA
QKIEWHE
;
M
4 'polypeptide(L)'
;DIELTQSPAIMSASPGEKVTMTCSASSSVSYMHWYQQKSGTSPKRWIYDTSKLASGVPGRFSGSGSGNSYSLTISSVEAE
DDATYYCQQWSKHPLTFGSGTKVEIKGSGLVPRGSGSVQLQQSGPELEKPGASVKISCKASGYSFTGYTMNWVKQSHGKS
LEWIGLITPYNGASSYNQKFRGKATLTVDKSSSTAYMDLLSLTSEDSAVYFCARGGYDGRGFDYWGSGTPVTVS
;
A
#
# COMPACT_ATOMS: atom_id res chain seq x y z
N ILE A 2 29.87 1.75 19.10
CA ILE A 2 28.49 2.21 18.40
C ILE A 2 27.75 1.07 17.69
N GLN A 3 26.61 0.57 18.17
CA GLN A 3 25.94 -0.68 17.66
C GLN A 3 24.99 -0.34 16.48
N MET A 4 24.65 -1.33 15.63
CA MET A 4 23.69 -1.26 14.48
C MET A 4 23.06 -2.63 14.14
N THR A 5 21.76 -2.81 14.43
CA THR A 5 21.04 -4.12 14.54
C THR A 5 19.95 -4.18 13.46
N GLN A 6 19.94 -5.20 12.58
CA GLN A 6 18.90 -5.36 11.52
C GLN A 6 17.96 -6.48 11.95
N SER A 7 16.68 -6.46 11.53
CA SER A 7 15.59 -7.38 11.97
C SER A 7 14.62 -7.69 10.82
N PRO A 8 14.36 -8.98 10.47
CA PRO A 8 14.95 -10.15 11.14
C PRO A 8 16.32 -10.64 10.63
N SER A 9 16.80 -11.81 11.11
CA SER A 9 17.96 -12.62 10.60
C SER A 9 17.91 -12.75 9.05
N SER A 10 16.79 -13.31 8.63
CA SER A 10 16.44 -13.51 7.22
C SER A 10 14.92 -13.54 7.12
N LEU A 11 14.35 -12.89 6.11
CA LEU A 11 12.89 -12.84 5.90
C LEU A 11 12.56 -13.49 4.57
N SER A 12 11.37 -14.08 4.50
CA SER A 12 10.83 -14.75 3.30
C SER A 12 9.38 -14.30 3.08
N ALA A 13 9.03 -13.78 1.87
CA ALA A 13 7.67 -13.29 1.50
C ALA A 13 7.32 -13.51 0.01
N SER A 14 6.07 -13.24 -0.36
CA SER A 14 5.46 -13.54 -1.68
C SER A 14 5.58 -12.30 -2.55
N VAL A 15 5.72 -12.49 -3.87
CA VAL A 15 5.72 -11.38 -4.87
C VAL A 15 4.35 -10.65 -4.84
N GLY A 16 4.35 -9.38 -4.43
CA GLY A 16 3.14 -8.58 -4.35
C GLY A 16 2.68 -8.37 -2.93
N ASP A 17 3.55 -8.71 -1.95
CA ASP A 17 3.30 -8.47 -0.50
C ASP A 17 4.31 -7.42 -0.03
N ARG A 18 3.87 -6.55 0.91
CA ARG A 18 4.61 -5.39 1.48
C ARG A 18 5.65 -5.96 2.44
N VAL A 19 6.92 -5.67 2.14
CA VAL A 19 8.10 -6.18 2.89
C VAL A 19 8.53 -5.10 3.88
N THR A 20 8.69 -5.48 5.15
CA THR A 20 8.99 -4.60 6.30
C THR A 20 10.33 -5.04 6.93
N ILE A 21 11.42 -4.30 6.65
CA ILE A 21 12.75 -4.49 7.30
C ILE A 21 13.05 -3.33 8.28
N THR A 22 13.64 -3.62 9.44
CA THR A 22 13.87 -2.66 10.54
C THR A 22 15.38 -2.56 10.84
N CYS A 23 15.84 -1.36 11.23
CA CYS A 23 17.26 -1.04 11.54
C CYS A 23 17.30 -0.18 12.80
N ARG A 24 17.87 -0.69 13.90
CA ARG A 24 17.99 0.01 15.22
C ARG A 24 19.47 0.39 15.40
N SER A 25 19.72 1.31 16.36
CA SER A 25 21.06 1.70 16.88
C SER A 25 20.98 1.93 18.40
N SER A 26 22.12 2.23 19.02
CA SER A 26 22.24 2.50 20.47
C SER A 26 22.13 4.02 20.71
N GLN A 27 23.01 4.78 20.04
CA GLN A 27 23.19 6.26 20.11
C GLN A 27 22.44 6.88 18.92
N GLY A 28 21.79 8.02 19.13
CA GLY A 28 20.99 8.68 18.10
C GLY A 28 21.85 9.07 16.91
N ILE A 29 21.29 9.02 15.69
CA ILE A 29 22.08 9.27 14.45
C ILE A 29 21.19 10.05 13.45
N GLY A 30 20.51 11.09 13.98
CA GLY A 30 19.74 12.08 13.19
C GLY A 30 19.19 11.41 11.96
N SER A 31 19.83 11.60 10.80
CA SER A 31 19.42 10.94 9.54
C SER A 31 20.63 10.58 8.67
N TRP A 32 21.75 10.22 9.34
CA TRP A 32 23.06 9.81 8.73
C TRP A 32 23.13 8.28 8.49
N LEU A 33 22.08 7.73 7.86
CA LEU A 33 21.84 6.28 7.71
C LEU A 33 21.65 6.01 6.23
N ALA A 34 22.01 4.79 5.79
CA ALA A 34 21.97 4.35 4.37
C ALA A 34 21.37 2.95 4.21
N TRP A 35 21.06 2.62 2.95
CA TRP A 35 20.39 1.36 2.52
C TRP A 35 21.07 0.82 1.25
N TYR A 36 21.54 -0.43 1.28
CA TYR A 36 22.30 -1.04 0.17
C TYR A 36 21.79 -2.47 -0.09
N GLN A 37 21.60 -2.80 -1.38
CA GLN A 37 21.14 -4.11 -1.96
C GLN A 37 22.39 -4.86 -2.35
N GLN A 38 22.52 -6.15 -1.98
CA GLN A 38 23.63 -7.05 -2.45
C GLN A 38 23.13 -8.31 -3.17
N LYS A 39 23.55 -8.49 -4.42
CA LYS A 39 23.36 -9.73 -5.22
C LYS A 39 24.39 -10.78 -4.79
N PRO A 40 24.03 -12.08 -4.69
CA PRO A 40 24.98 -13.13 -4.36
C PRO A 40 26.28 -12.97 -5.14
N GLU A 41 27.41 -12.91 -4.38
CA GLU A 41 28.84 -12.88 -4.82
C GLU A 41 28.98 -12.01 -6.07
N LYS A 42 28.63 -10.74 -5.94
CA LYS A 42 28.60 -9.71 -7.01
C LYS A 42 28.53 -8.36 -6.27
N ALA A 43 28.82 -7.27 -6.96
CA ALA A 43 28.82 -5.89 -6.39
C ALA A 43 27.57 -5.63 -5.57
N PRO A 44 27.70 -5.00 -4.38
CA PRO A 44 26.62 -4.23 -3.74
C PRO A 44 26.12 -2.95 -4.44
N GLN A 45 24.80 -2.82 -4.56
CA GLN A 45 24.10 -1.65 -5.16
C GLN A 45 23.66 -0.71 -4.01
N SER A 46 23.48 0.58 -4.33
CA SER A 46 23.04 1.59 -3.33
C SER A 46 21.58 1.89 -3.59
N LEU A 47 20.86 2.17 -2.49
CA LEU A 47 19.44 2.61 -2.46
C LEU A 47 19.34 3.95 -1.71
N ILE A 48 18.36 4.08 -0.81
CA ILE A 48 18.17 5.24 0.11
C ILE A 48 19.54 5.67 0.68
N TYR A 49 19.91 6.93 0.42
CA TYR A 49 21.22 7.51 0.84
C TYR A 49 21.07 8.27 2.15
N ALA A 50 19.95 8.95 2.38
CA ALA A 50 19.61 9.47 3.73
C ALA A 50 18.15 9.15 3.98
N ALA A 51 17.81 8.86 5.24
CA ALA A 51 16.42 8.68 5.69
C ALA A 51 15.44 9.39 4.73
N SER A 52 14.73 8.62 3.89
CA SER A 52 13.67 9.09 2.95
C SER A 52 14.28 9.89 1.79
N SER A 53 15.36 9.38 1.18
CA SER A 53 16.04 10.02 0.03
C SER A 53 16.55 8.96 -0.94
N LEU A 54 15.89 8.81 -2.11
CA LEU A 54 16.15 7.71 -3.11
C LEU A 54 17.35 8.06 -3.98
N GLN A 55 18.31 7.11 -4.12
CA GLN A 55 19.56 7.31 -4.92
C GLN A 55 19.15 7.37 -6.38
N SER A 56 19.92 8.06 -7.27
CA SER A 56 19.57 8.26 -8.70
C SER A 56 19.56 6.90 -9.40
N GLY A 57 18.38 6.54 -9.94
CA GLY A 57 18.08 5.32 -10.74
C GLY A 57 17.44 4.19 -9.93
N VAL A 58 16.69 4.48 -8.86
CA VAL A 58 16.08 3.43 -7.99
C VAL A 58 14.56 3.47 -8.15
N PRO A 59 13.91 2.32 -8.41
CA PRO A 59 12.44 2.27 -8.49
C PRO A 59 11.74 2.75 -7.20
N SER A 60 10.64 3.49 -7.35
CA SER A 60 9.99 4.25 -6.25
C SER A 60 9.23 3.28 -5.34
N ARG A 61 9.10 2.03 -5.76
CA ARG A 61 8.51 0.98 -4.89
C ARG A 61 9.20 0.97 -3.51
N PHE A 62 10.47 1.39 -3.44
CA PHE A 62 11.26 1.44 -2.18
C PHE A 62 10.93 2.70 -1.38
N SER A 63 11.17 2.66 -0.07
CA SER A 63 10.65 3.63 0.92
C SER A 63 11.42 3.58 2.25
N GLY A 64 12.26 4.60 2.52
CA GLY A 64 13.15 4.66 3.70
C GLY A 64 12.63 5.66 4.72
N SER A 65 12.44 5.27 5.98
CA SER A 65 11.70 6.05 7.01
C SER A 65 12.28 5.81 8.42
N GLY A 66 11.76 6.56 9.41
CA GLY A 66 12.28 6.70 10.79
C GLY A 66 13.01 8.03 10.98
N SER A 67 13.49 8.27 12.21
CA SER A 67 14.51 9.29 12.58
C SER A 67 14.94 9.08 14.03
N GLY A 68 16.20 9.43 14.32
CA GLY A 68 16.85 9.30 15.63
C GLY A 68 17.59 7.98 15.77
N THR A 69 16.88 6.88 16.08
CA THR A 69 17.45 5.55 16.40
C THR A 69 16.70 4.43 15.68
N ASP A 70 15.36 4.37 15.81
CA ASP A 70 14.56 3.25 15.23
C ASP A 70 14.10 3.64 13.82
N PHE A 71 14.60 2.92 12.81
CA PHE A 71 14.39 3.18 11.36
C PHE A 71 13.64 2.00 10.75
N THR A 72 13.29 2.16 9.48
CA THR A 72 12.47 1.19 8.71
C THR A 72 12.87 1.33 7.24
N LEU A 73 12.99 0.21 6.53
CA LEU A 73 12.97 0.12 5.04
C LEU A 73 11.79 -0.76 4.57
N THR A 74 11.03 -0.25 3.61
CA THR A 74 9.83 -0.90 3.04
C THR A 74 10.07 -1.20 1.54
N ILE A 75 9.27 -2.12 1.01
CA ILE A 75 9.09 -2.35 -0.44
C ILE A 75 7.64 -2.68 -0.69
N SER A 76 6.87 -1.73 -1.19
CA SER A 76 5.47 -1.96 -1.62
C SER A 76 5.46 -2.86 -2.86
N ASN A 77 4.82 -4.03 -2.79
CA ASN A 77 4.74 -4.98 -3.92
C ASN A 77 6.14 -5.36 -4.36
N LEU A 78 6.66 -6.45 -3.82
CA LEU A 78 7.97 -6.94 -4.27
C LEU A 78 7.90 -7.14 -5.78
N GLN A 79 9.05 -7.06 -6.45
CA GLN A 79 9.23 -7.52 -7.84
C GLN A 79 10.24 -8.67 -7.84
N PRO A 80 10.39 -9.39 -8.97
CA PRO A 80 11.24 -10.57 -9.02
C PRO A 80 12.75 -10.30 -8.85
N GLU A 81 13.23 -9.10 -9.20
CA GLU A 81 14.67 -8.74 -9.14
C GLU A 81 14.98 -8.00 -7.83
N ASP A 82 14.08 -8.04 -6.85
CA ASP A 82 14.21 -7.31 -5.54
C ASP A 82 14.58 -8.29 -4.41
N PHE A 83 14.69 -9.59 -4.71
CA PHE A 83 15.18 -10.59 -3.73
C PHE A 83 16.69 -10.38 -3.61
N ALA A 84 17.11 -10.00 -2.41
CA ALA A 84 18.54 -9.73 -2.15
C ALA A 84 18.78 -9.60 -0.65
N THR A 85 20.06 -9.63 -0.31
CA THR A 85 20.63 -9.32 1.02
C THR A 85 20.65 -7.80 1.17
N TYR A 86 19.68 -7.20 1.88
CA TYR A 86 19.64 -5.73 2.09
C TYR A 86 20.44 -5.36 3.33
N TYR A 87 21.15 -4.24 3.27
CA TYR A 87 22.12 -3.82 4.32
C TYR A 87 21.83 -2.38 4.79
N CYS A 88 21.75 -2.20 6.12
CA CYS A 88 21.58 -0.88 6.81
C CYS A 88 22.94 -0.45 7.40
N GLN A 89 23.34 0.80 7.10
CA GLN A 89 24.64 1.42 7.44
C GLN A 89 24.42 2.83 8.03
N GLN A 90 25.39 3.32 8.82
CA GLN A 90 25.35 4.67 9.43
C GLN A 90 26.70 5.39 9.27
N TYR A 91 26.71 6.73 9.16
CA TYR A 91 27.97 7.47 8.88
C TYR A 91 28.15 8.78 9.65
N ASN A 92 27.35 8.91 10.73
CA ASN A 92 27.23 10.15 11.55
C ASN A 92 28.61 10.46 12.18
N SER A 93 29.17 9.44 12.82
CA SER A 93 30.47 9.46 13.52
C SER A 93 31.37 8.48 12.79
N TYR A 94 32.68 8.64 12.96
CA TYR A 94 33.71 7.66 12.56
C TYR A 94 33.96 6.81 13.79
N PRO A 95 33.72 5.48 13.67
CA PRO A 95 33.79 4.79 12.39
C PRO A 95 32.40 4.64 11.74
N LEU A 96 32.41 4.35 10.46
CA LEU A 96 31.20 3.87 9.77
C LEU A 96 30.87 2.47 10.28
N THR A 97 29.58 2.22 10.41
CA THR A 97 29.07 0.93 10.92
C THR A 97 28.04 0.37 9.92
N PHE A 98 28.05 -0.95 9.78
CA PHE A 98 27.01 -1.71 9.06
C PHE A 98 26.28 -2.76 9.94
N GLY A 99 25.10 -3.17 9.44
CA GLY A 99 24.19 -4.16 10.05
C GLY A 99 24.53 -5.59 9.69
N GLY A 100 23.70 -6.51 10.19
CA GLY A 100 23.81 -7.97 10.04
C GLY A 100 23.22 -8.46 8.74
N GLY A 101 22.72 -7.53 7.89
CA GLY A 101 22.11 -7.77 6.57
C GLY A 101 20.92 -8.74 6.58
N THR A 102 19.84 -8.43 5.85
CA THR A 102 18.60 -9.24 5.86
C THR A 102 18.37 -9.93 4.52
N LYS A 103 18.34 -11.27 4.55
CA LYS A 103 18.31 -12.10 3.31
C LYS A 103 16.84 -12.34 3.03
N VAL A 104 16.34 -11.73 1.97
CA VAL A 104 14.89 -11.62 1.68
C VAL A 104 14.62 -12.55 0.51
N GLU A 105 13.92 -13.67 0.77
CA GLU A 105 13.75 -14.84 -0.13
C GLU A 105 12.29 -15.01 -0.58
N ILE A 106 12.05 -15.91 -1.54
CA ILE A 106 10.72 -16.19 -2.16
C ILE A 106 10.03 -17.28 -1.32
N LYS A 107 8.75 -17.57 -1.60
CA LYS A 107 7.94 -18.56 -0.84
C LYS A 107 7.23 -19.45 -1.84
N ARG A 108 7.51 -20.74 -1.76
CA ARG A 108 6.75 -21.78 -2.50
C ARG A 108 6.08 -22.67 -1.47
N ALA A 109 5.26 -23.64 -1.87
CA ALA A 109 4.67 -24.56 -0.89
C ALA A 109 5.76 -25.56 -0.46
N ASP A 110 5.40 -26.41 0.49
CA ASP A 110 6.37 -27.32 1.15
C ASP A 110 6.80 -28.44 0.19
N ALA A 111 7.96 -29.05 0.46
CA ALA A 111 8.60 -30.13 -0.34
C ALA A 111 9.67 -30.91 0.47
N ALA A 112 10.01 -32.13 0.06
CA ALA A 112 10.93 -33.07 0.77
C ALA A 112 12.14 -33.37 -0.11
N PRO A 113 13.27 -33.73 0.52
CA PRO A 113 14.53 -33.90 -0.22
C PRO A 113 14.80 -35.24 -0.96
N THR A 114 15.81 -35.20 -1.85
CA THR A 114 16.32 -36.28 -2.74
C THR A 114 17.57 -36.93 -2.14
N VAL A 115 17.40 -37.61 -1.02
CA VAL A 115 18.55 -38.15 -0.24
C VAL A 115 19.22 -39.23 -1.10
N SER A 116 20.54 -39.08 -1.32
CA SER A 116 21.49 -40.10 -1.89
C SER A 116 22.78 -40.15 -1.05
N ILE A 117 23.53 -41.26 -1.16
CA ILE A 117 24.78 -41.51 -0.37
C ILE A 117 25.79 -42.10 -1.34
N PHE A 118 27.08 -41.97 -0.99
CA PHE A 118 28.26 -42.34 -1.78
C PHE A 118 29.34 -42.73 -0.77
N PRO A 119 29.62 -44.03 -0.58
CA PRO A 119 30.84 -44.43 0.12
C PRO A 119 32.07 -44.21 -0.76
N PRO A 120 33.22 -44.10 -0.06
CA PRO A 120 34.51 -43.76 -0.65
C PRO A 120 34.91 -44.34 -2.00
N SER A 121 35.44 -43.53 -2.93
CA SER A 121 36.03 -44.02 -4.22
C SER A 121 37.18 -45.00 -4.00
N SER A 122 37.42 -45.92 -4.92
CA SER A 122 38.42 -46.98 -4.64
C SER A 122 39.79 -46.32 -4.66
N GLU A 123 39.91 -45.18 -5.36
CA GLU A 123 41.18 -44.42 -5.38
C GLU A 123 41.42 -43.88 -3.97
N GLN A 124 40.44 -43.18 -3.43
CA GLN A 124 40.50 -42.60 -2.07
C GLN A 124 40.76 -43.74 -1.09
N LEU A 125 39.81 -44.69 -0.94
CA LEU A 125 39.85 -45.82 0.04
C LEU A 125 41.33 -46.26 0.16
N THR A 126 42.03 -46.43 -0.98
CA THR A 126 43.42 -46.99 -1.04
C THR A 126 44.48 -45.93 -0.69
N SER A 127 44.30 -44.69 -1.13
CA SER A 127 45.27 -43.55 -1.00
C SER A 127 45.57 -43.14 0.46
N GLY A 128 44.64 -43.36 1.40
CA GLY A 128 44.88 -42.95 2.79
C GLY A 128 43.70 -42.25 3.45
N GLY A 129 42.62 -41.98 2.71
CA GLY A 129 41.43 -41.32 3.27
C GLY A 129 40.17 -42.13 3.09
N ALA A 130 39.01 -41.47 3.31
CA ALA A 130 37.65 -42.03 3.30
C ALA A 130 36.63 -40.96 3.65
N SER A 131 35.71 -40.66 2.72
CA SER A 131 34.57 -39.72 2.92
C SER A 131 33.21 -40.37 2.60
N VAL A 132 32.29 -40.34 3.54
CA VAL A 132 30.90 -40.79 3.26
C VAL A 132 30.10 -39.52 2.97
N VAL A 133 29.63 -39.41 1.74
CA VAL A 133 28.87 -38.20 1.30
C VAL A 133 27.37 -38.38 1.49
N CYS A 134 26.64 -37.26 1.42
CA CYS A 134 25.17 -37.19 1.54
C CYS A 134 24.60 -35.96 0.86
N PHE A 135 23.82 -36.23 -0.18
CA PHE A 135 23.04 -35.27 -0.97
C PHE A 135 21.53 -35.30 -0.63
N LEU A 136 21.04 -34.26 0.04
CA LEU A 136 19.60 -34.01 0.34
C LEU A 136 19.13 -32.82 -0.51
N ASN A 137 18.79 -33.10 -1.75
CA ASN A 137 18.61 -32.09 -2.81
C ASN A 137 17.13 -31.70 -2.95
N ASN A 138 16.88 -30.41 -3.21
CA ASN A 138 15.63 -29.86 -3.76
C ASN A 138 14.52 -30.06 -2.75
N PHE A 139 14.56 -29.23 -1.71
CA PHE A 139 13.58 -29.25 -0.59
C PHE A 139 13.33 -27.82 -0.17
N TYR A 140 12.32 -27.60 0.69
CA TYR A 140 11.87 -26.29 1.26
C TYR A 140 11.03 -26.49 2.51
N PRO A 141 11.24 -25.76 3.61
CA PRO A 141 12.21 -24.66 3.66
C PRO A 141 13.68 -25.02 3.93
N LYS A 142 14.48 -23.97 4.12
CA LYS A 142 15.95 -23.92 4.25
C LYS A 142 16.41 -24.64 5.53
N ASP A 143 15.52 -24.85 6.50
CA ASP A 143 15.93 -25.43 7.80
C ASP A 143 15.60 -26.90 7.72
N ILE A 144 16.25 -27.76 8.54
CA ILE A 144 16.52 -29.22 8.29
C ILE A 144 17.35 -29.83 9.45
N ASN A 145 17.60 -31.14 9.43
CA ASN A 145 18.34 -31.86 10.51
C ASN A 145 18.91 -33.20 10.01
N VAL A 146 20.08 -33.17 9.39
CA VAL A 146 20.83 -34.42 9.08
C VAL A 146 21.45 -34.94 10.38
N LYS A 147 21.69 -36.25 10.44
CA LYS A 147 22.24 -36.95 11.62
C LYS A 147 22.82 -38.29 11.16
N TRP A 148 24.10 -38.51 11.43
CA TRP A 148 24.80 -39.73 11.00
C TRP A 148 24.74 -40.74 12.14
N LYS A 149 24.70 -42.02 11.75
CA LYS A 149 24.78 -43.20 12.65
C LYS A 149 25.77 -44.22 12.07
N ILE A 150 26.65 -44.75 12.93
CA ILE A 150 27.60 -45.83 12.57
C ILE A 150 27.52 -46.92 13.64
N ASP A 151 27.35 -48.16 13.16
CA ASP A 151 27.19 -49.38 14.01
C ASP A 151 26.13 -49.02 15.07
N GLY A 152 25.03 -48.36 14.67
CA GLY A 152 23.91 -48.04 15.57
C GLY A 152 24.10 -46.73 16.33
N SER A 153 25.29 -46.48 16.96
CA SER A 153 25.61 -45.27 17.77
C SER A 153 25.75 -44.03 16.86
N GLU A 154 25.38 -42.87 17.39
CA GLU A 154 25.35 -41.54 16.72
C GLU A 154 26.79 -41.06 16.45
N ARG A 155 26.94 -40.06 15.55
CA ARG A 155 28.22 -39.33 15.36
C ARG A 155 27.95 -37.88 14.94
N GLN A 156 28.64 -36.94 15.62
CA GLN A 156 28.47 -35.47 15.58
C GLN A 156 29.80 -34.83 15.20
N ASN A 157 30.89 -35.59 15.35
CA ASN A 157 32.30 -35.16 15.20
C ASN A 157 32.78 -35.33 13.75
N GLY A 158 33.62 -34.42 13.24
CA GLY A 158 34.07 -34.49 11.83
C GLY A 158 32.94 -34.56 10.79
N VAL A 159 31.99 -33.64 10.89
CA VAL A 159 30.85 -33.51 9.94
C VAL A 159 30.94 -32.11 9.29
N LEU A 160 31.38 -32.00 8.04
CA LEU A 160 31.19 -30.78 7.20
C LEU A 160 29.77 -30.74 6.62
N ASN A 161 29.22 -29.56 6.30
CA ASN A 161 27.88 -29.38 5.65
C ASN A 161 27.87 -28.17 4.71
N SER A 162 27.04 -28.14 3.63
CA SER A 162 26.88 -26.97 2.70
C SER A 162 25.47 -26.99 2.07
N TRP A 163 24.78 -25.85 2.06
CA TRP A 163 23.45 -25.57 1.45
C TRP A 163 23.70 -24.62 0.30
N THR A 164 23.10 -24.82 -0.86
CA THR A 164 23.13 -23.71 -1.84
C THR A 164 22.11 -22.63 -1.43
N ASP A 165 22.21 -21.46 -2.06
CA ASP A 165 21.24 -20.34 -1.92
C ASP A 165 19.91 -20.82 -2.54
N GLN A 166 18.85 -20.05 -2.38
CA GLN A 166 17.55 -20.39 -2.99
C GLN A 166 17.77 -20.45 -4.51
N ASP A 167 17.15 -21.42 -5.19
CA ASP A 167 17.23 -21.55 -6.67
C ASP A 167 16.16 -20.65 -7.28
N SER A 168 16.40 -19.99 -8.45
CA SER A 168 15.48 -18.98 -9.05
C SER A 168 14.42 -19.63 -9.94
N LYS A 169 14.66 -20.88 -10.41
CA LYS A 169 13.74 -21.65 -11.28
C LYS A 169 12.70 -22.41 -10.43
N ASP A 170 13.15 -23.37 -9.59
CA ASP A 170 12.26 -24.30 -8.83
C ASP A 170 12.21 -23.92 -7.32
N SER A 171 12.99 -22.96 -6.90
CA SER A 171 12.79 -22.30 -5.60
C SER A 171 13.08 -23.27 -4.45
N THR A 172 14.15 -24.07 -4.57
CA THR A 172 14.56 -25.07 -3.53
C THR A 172 16.04 -24.93 -3.16
N TYR A 173 16.28 -25.18 -1.87
CA TYR A 173 17.61 -25.26 -1.25
C TYR A 173 18.01 -26.75 -1.28
N SER A 174 19.30 -27.02 -1.49
CA SER A 174 19.94 -28.35 -1.58
C SER A 174 21.02 -28.49 -0.50
N MET A 175 21.51 -29.68 -0.19
CA MET A 175 22.45 -29.83 0.96
C MET A 175 23.49 -30.98 0.81
N SER A 176 24.79 -30.70 1.02
CA SER A 176 25.94 -31.65 1.05
C SER A 176 26.44 -31.85 2.47
N SER A 177 26.27 -33.05 3.03
CA SER A 177 26.92 -33.42 4.31
C SER A 177 27.95 -34.50 4.05
N THR A 178 29.03 -34.45 4.81
CA THR A 178 30.29 -35.17 4.55
C THR A 178 30.79 -35.80 5.87
N LEU A 179 30.92 -37.12 5.91
CA LEU A 179 31.45 -37.83 7.10
C LEU A 179 32.86 -38.37 6.83
N THR A 180 33.85 -37.55 7.19
CA THR A 180 35.29 -37.69 6.85
C THR A 180 36.02 -38.50 7.92
N LEU A 181 36.81 -39.48 7.48
CA LEU A 181 37.51 -40.43 8.38
C LEU A 181 38.85 -40.75 7.76
N THR A 182 39.59 -41.63 8.41
CA THR A 182 40.73 -42.30 7.77
C THR A 182 40.25 -43.68 7.36
N LYS A 183 41.01 -44.27 6.46
CA LYS A 183 40.85 -45.69 6.08
C LYS A 183 40.46 -46.48 7.36
N ASP A 184 41.11 -46.25 8.49
CA ASP A 184 40.88 -47.04 9.73
C ASP A 184 39.40 -47.03 10.17
N GLU A 185 38.93 -46.07 11.00
CA GLU A 185 37.60 -46.21 11.68
C GLU A 185 36.60 -46.41 10.53
N TYR A 186 36.89 -46.05 9.25
CA TYR A 186 36.02 -46.50 8.12
C TYR A 186 35.82 -48.04 8.15
N GLU A 187 36.91 -48.80 8.32
CA GLU A 187 36.91 -50.29 8.41
C GLU A 187 36.26 -50.74 9.70
N ARG A 188 36.74 -50.21 10.83
CA ARG A 188 36.37 -50.65 12.18
C ARG A 188 34.85 -50.85 12.36
N HIS A 189 34.10 -49.74 12.41
CA HIS A 189 32.63 -49.71 12.45
C HIS A 189 32.12 -50.06 11.00
N ASN A 190 31.10 -50.93 10.82
CA ASN A 190 30.63 -51.42 9.48
C ASN A 190 29.54 -50.51 8.85
N SER A 191 28.34 -50.42 9.43
CA SER A 191 27.12 -49.78 8.86
C SER A 191 27.29 -48.25 8.69
N TYR A 192 26.48 -47.61 7.86
CA TYR A 192 26.57 -46.16 7.59
C TYR A 192 25.22 -45.59 7.11
N THR A 193 24.83 -44.41 7.60
CA THR A 193 23.45 -43.86 7.59
C THR A 193 23.40 -42.31 7.50
N CYS A 194 22.36 -41.77 6.91
CA CYS A 194 22.00 -40.33 7.01
C CYS A 194 20.51 -40.23 7.35
N GLU A 195 20.20 -39.70 8.51
CA GLU A 195 18.80 -39.45 8.92
C GLU A 195 18.50 -37.97 8.71
N ALA A 196 18.09 -37.63 7.50
CA ALA A 196 17.55 -36.32 7.14
C ALA A 196 16.10 -36.12 7.70
N THR A 197 15.92 -35.37 8.79
CA THR A 197 14.62 -34.99 9.40
C THR A 197 14.22 -33.58 8.93
N HIS A 198 13.08 -33.44 8.24
CA HIS A 198 12.55 -32.14 7.74
C HIS A 198 11.22 -31.84 8.43
N LYS A 199 10.61 -30.70 8.07
CA LYS A 199 9.35 -30.21 8.65
C LYS A 199 8.24 -31.09 8.11
N THR A 200 8.34 -31.44 6.82
CA THR A 200 7.30 -32.19 6.07
C THR A 200 6.88 -33.41 6.90
N SER A 201 7.83 -34.29 7.25
CA SER A 201 7.61 -35.57 7.94
C SER A 201 7.92 -35.46 9.43
N THR A 202 7.20 -36.24 10.23
CA THR A 202 7.45 -36.46 11.68
C THR A 202 8.72 -37.32 11.82
N SER A 203 8.72 -38.50 11.17
CA SER A 203 9.76 -39.56 11.25
C SER A 203 10.60 -39.58 9.96
N PRO A 204 11.94 -39.78 10.05
CA PRO A 204 12.89 -39.24 9.07
C PRO A 204 13.03 -40.05 7.80
N ILE A 205 13.64 -39.42 6.80
CA ILE A 205 14.06 -40.01 5.51
C ILE A 205 15.48 -40.55 5.66
N VAL A 206 15.65 -41.87 5.52
CA VAL A 206 16.88 -42.64 5.85
C VAL A 206 17.51 -43.21 4.58
N LYS A 207 18.81 -42.91 4.35
CA LYS A 207 19.64 -43.54 3.29
C LYS A 207 20.82 -44.24 3.97
N SER A 208 20.95 -45.54 3.71
CA SER A 208 21.89 -46.48 4.37
C SER A 208 22.62 -47.39 3.37
N PHE A 209 23.76 -47.91 3.82
CA PHE A 209 24.53 -49.00 3.15
C PHE A 209 25.36 -49.73 4.19
N ASN A 210 26.02 -50.82 3.77
CA ASN A 210 27.01 -51.59 4.57
C ASN A 210 28.27 -51.70 3.73
N ARG A 211 29.45 -51.56 4.36
CA ARG A 211 30.74 -51.34 3.64
C ARG A 211 30.99 -52.49 2.66
N ASN A 212 30.98 -53.69 3.26
CA ASN A 212 31.39 -54.98 2.65
C ASN A 212 30.39 -55.35 1.55
N GLU A 213 29.10 -55.34 1.87
CA GLU A 213 28.01 -55.87 1.00
C GLU A 213 27.70 -54.83 -0.09
N GLU B 2 28.82 3.52 -17.43
CA GLU B 2 29.87 4.50 -17.85
C GLU B 2 30.93 4.58 -16.73
N VAL B 3 30.49 4.52 -15.47
CA VAL B 3 31.22 5.11 -14.29
C VAL B 3 31.98 4.04 -13.47
N GLN B 4 33.10 3.55 -14.02
CA GLN B 4 33.78 2.29 -13.62
C GLN B 4 34.83 2.54 -12.52
N LEU B 5 35.26 1.45 -11.89
CA LEU B 5 36.32 1.39 -10.84
C LEU B 5 36.84 -0.04 -10.71
N LEU B 6 37.94 -0.34 -11.38
CA LEU B 6 38.51 -1.71 -11.39
C LEU B 6 39.60 -1.81 -10.31
N GLU B 7 39.31 -2.60 -9.28
CA GLU B 7 40.30 -3.02 -8.27
C GLU B 7 41.26 -3.98 -8.94
N SER B 8 42.56 -3.86 -8.68
CA SER B 8 43.58 -4.84 -9.15
C SER B 8 44.73 -4.89 -8.14
N GLY B 9 45.53 -5.96 -8.20
CA GLY B 9 46.65 -6.23 -7.25
C GLY B 9 46.35 -7.30 -6.20
N GLY B 10 45.09 -7.74 -6.09
CA GLY B 10 44.68 -8.80 -5.13
C GLY B 10 45.25 -10.18 -5.50
N GLY B 11 46.07 -10.74 -4.61
CA GLY B 11 46.68 -12.09 -4.71
C GLY B 11 46.51 -12.87 -3.39
N LEU B 12 47.17 -14.02 -3.27
CA LEU B 12 47.43 -14.72 -1.98
C LEU B 12 48.64 -14.08 -1.36
N VAL B 13 48.73 -13.92 -0.04
CA VAL B 13 50.08 -13.65 0.52
C VAL B 13 50.30 -14.46 1.83
N GLN B 14 51.55 -14.92 2.07
CA GLN B 14 51.93 -15.68 3.30
C GLN B 14 51.57 -14.78 4.49
N PRO B 15 51.31 -15.26 5.70
CA PRO B 15 51.04 -14.32 6.79
C PRO B 15 52.20 -13.35 7.00
N GLY B 16 51.87 -12.11 7.40
CA GLY B 16 52.81 -11.04 7.78
C GLY B 16 53.35 -10.28 6.57
N GLY B 17 52.91 -10.66 5.37
CA GLY B 17 53.49 -10.19 4.10
C GLY B 17 52.84 -8.88 3.68
N SER B 18 53.54 -8.07 2.89
CA SER B 18 53.00 -6.77 2.40
C SER B 18 52.37 -6.97 1.03
N LEU B 19 51.57 -5.99 0.63
CA LEU B 19 50.77 -6.04 -0.61
C LEU B 19 50.04 -4.71 -0.79
N ARG B 20 49.85 -4.25 -2.04
CA ARG B 20 49.27 -2.91 -2.38
C ARG B 20 48.13 -3.10 -3.38
N LEU B 21 47.14 -2.20 -3.36
CA LEU B 21 45.90 -2.29 -4.18
C LEU B 21 45.75 -1.03 -5.05
N SER B 22 45.01 -1.16 -6.13
CA SER B 22 44.78 -0.06 -7.08
C SER B 22 43.32 -0.07 -7.48
N CYS B 23 42.77 1.13 -7.66
CA CYS B 23 41.42 1.36 -8.19
C CYS B 23 41.46 2.49 -9.22
N ALA B 24 41.57 2.14 -10.51
CA ALA B 24 41.69 3.08 -11.64
C ALA B 24 40.28 3.46 -12.15
N ALA B 25 39.92 4.73 -11.96
CA ALA B 25 38.55 5.26 -12.17
C ALA B 25 38.35 5.67 -13.63
N SER B 26 37.11 5.50 -14.13
CA SER B 26 36.69 5.90 -15.49
C SER B 26 35.24 6.40 -15.47
N GLY B 27 34.99 7.71 -15.65
CA GLY B 27 33.64 8.27 -15.72
C GLY B 27 33.50 9.62 -15.04
N LEU B 28 34.32 9.94 -14.02
CA LEU B 28 34.12 11.13 -13.12
C LEU B 28 35.34 12.09 -13.16
N THR B 29 35.12 13.41 -12.96
CA THR B 29 36.14 14.44 -12.57
C THR B 29 36.75 14.02 -11.21
N PHE B 30 37.94 13.39 -11.14
CA PHE B 30 38.48 12.71 -9.93
C PHE B 30 38.73 13.72 -8.78
N ARG B 31 39.41 14.83 -9.10
CA ARG B 31 39.90 15.89 -8.17
C ARG B 31 38.79 16.30 -7.19
N SER B 32 37.53 16.32 -7.68
CA SER B 32 36.31 16.92 -7.05
C SER B 32 35.32 15.84 -6.53
N TYR B 33 35.81 14.73 -5.96
CA TYR B 33 35.04 13.81 -5.06
C TYR B 33 35.98 13.07 -4.08
N ALA B 34 35.48 12.36 -3.07
CA ALA B 34 36.32 11.58 -2.09
C ALA B 34 36.00 10.08 -2.14
N MET B 35 36.79 9.24 -1.45
CA MET B 35 36.80 7.76 -1.66
C MET B 35 36.86 7.03 -0.32
N THR B 36 36.81 5.67 -0.38
CA THR B 36 36.78 4.69 0.74
C THR B 36 37.19 3.26 0.32
N TRP B 37 37.41 2.45 1.34
CA TRP B 37 37.82 1.04 1.25
C TRP B 37 36.97 0.20 2.22
N VAL B 38 36.17 -0.72 1.66
CA VAL B 38 35.22 -1.65 2.35
C VAL B 38 35.62 -3.07 2.01
N ARG B 39 35.63 -3.91 3.04
CA ARG B 39 35.96 -5.35 2.88
C ARG B 39 34.78 -6.23 3.38
N GLN B 40 34.48 -7.27 2.58
CA GLN B 40 33.41 -8.25 2.85
C GLN B 40 34.11 -9.47 3.44
N ALA B 41 33.81 -9.75 4.70
CA ALA B 41 34.14 -11.06 5.30
C ALA B 41 33.53 -12.19 4.47
N PRO B 42 34.33 -12.96 3.70
CA PRO B 42 33.80 -13.92 2.74
C PRO B 42 32.56 -14.69 3.22
N GLY B 43 31.52 -14.65 2.39
CA GLY B 43 30.21 -15.24 2.65
C GLY B 43 29.30 -14.30 3.42
N LYS B 44 29.53 -14.20 4.74
CA LYS B 44 28.60 -13.66 5.76
C LYS B 44 29.22 -12.43 6.46
N GLY B 45 28.73 -11.20 6.15
CA GLY B 45 29.03 -9.91 6.80
C GLY B 45 29.26 -8.76 5.80
N LEU B 46 29.37 -7.50 6.29
CA LEU B 46 30.05 -6.29 5.69
C LEU B 46 30.78 -5.45 6.76
N GLU B 47 31.80 -4.68 6.36
CA GLU B 47 32.65 -3.92 7.31
C GLU B 47 33.38 -2.82 6.54
N TRP B 48 33.71 -1.73 7.22
CA TRP B 48 34.43 -0.59 6.61
C TRP B 48 35.87 -0.60 7.09
N VAL B 49 36.75 -0.12 6.22
CA VAL B 49 38.22 0.02 6.45
C VAL B 49 38.58 1.48 6.63
N SER B 50 38.68 2.23 5.53
CA SER B 50 39.25 3.60 5.54
C SER B 50 38.48 4.53 4.61
N GLY B 51 38.81 5.81 4.80
CA GLY B 51 38.30 6.98 4.08
C GLY B 51 39.37 8.04 3.96
N ILE B 52 39.43 8.64 2.78
CA ILE B 52 40.27 9.82 2.53
C ILE B 52 39.39 10.98 2.10
N SER B 53 39.89 12.19 2.40
CA SER B 53 39.24 13.49 2.12
C SER B 53 39.58 13.89 0.69
N VAL B 54 39.09 15.07 0.31
CA VAL B 54 39.29 15.55 -1.06
C VAL B 54 40.72 16.04 -1.14
N SER B 55 41.26 16.53 -0.01
CA SER B 55 42.68 17.00 0.10
C SER B 55 43.63 15.77 0.19
N GLY B 56 43.35 14.91 1.17
CA GLY B 56 44.15 13.70 1.42
C GLY B 56 45.28 13.99 2.38
N GLY B 57 45.06 14.94 3.28
CA GLY B 57 45.84 15.05 4.53
C GLY B 57 45.03 14.48 5.69
N ILE B 58 43.71 14.52 5.45
CA ILE B 58 42.60 14.14 6.36
C ILE B 58 42.23 12.69 5.94
N THR B 59 42.72 11.71 6.70
CA THR B 59 42.55 10.24 6.53
C THR B 59 41.69 9.74 7.69
N TYR B 60 40.84 8.75 7.48
CA TYR B 60 40.17 7.99 8.58
C TYR B 60 40.46 6.47 8.47
N TYR B 61 40.40 5.72 9.59
CA TYR B 61 40.70 4.26 9.67
C TYR B 61 39.82 3.52 10.69
N ALA B 62 39.67 2.19 10.53
CA ALA B 62 38.99 1.26 11.47
C ALA B 62 40.02 0.55 12.31
N ASP B 63 39.68 0.25 13.56
CA ASP B 63 40.67 -0.02 14.64
C ASP B 63 41.44 -1.36 14.47
N SER B 64 40.88 -2.26 13.68
CA SER B 64 41.46 -3.58 13.43
C SER B 64 42.53 -3.46 12.34
N VAL B 65 42.85 -2.22 11.89
CA VAL B 65 43.90 -1.92 10.87
C VAL B 65 44.54 -0.54 11.08
N LYS B 66 44.44 0.12 12.25
CA LYS B 66 45.03 1.49 12.42
C LYS B 66 46.55 1.31 12.57
N GLY B 67 47.29 1.66 11.51
CA GLY B 67 48.76 1.52 11.42
C GLY B 67 49.21 0.32 10.60
N ARG B 68 48.37 -0.68 10.39
CA ARG B 68 48.72 -1.80 9.50
C ARG B 68 48.43 -1.35 8.05
N PHE B 69 47.20 -0.97 7.80
CA PHE B 69 46.71 -0.53 6.47
C PHE B 69 46.90 0.98 6.37
N THR B 70 47.23 1.45 5.17
CA THR B 70 47.65 2.83 4.85
C THR B 70 47.03 3.25 3.52
N ILE B 71 46.01 4.10 3.55
CA ILE B 71 45.43 4.69 2.31
C ILE B 71 46.38 5.75 1.73
N SER B 72 46.15 6.11 0.47
CA SER B 72 46.94 7.09 -0.32
C SER B 72 46.19 7.38 -1.64
N ARG B 73 46.23 8.63 -2.18
CA ARG B 73 45.56 8.96 -3.49
C ARG B 73 46.41 9.86 -4.40
N ASP B 74 45.98 10.05 -5.68
CA ASP B 74 46.69 10.82 -6.76
C ASP B 74 45.69 11.24 -7.87
N ASN B 75 45.97 12.37 -8.56
CA ASN B 75 45.14 12.93 -9.67
C ASN B 75 45.66 12.47 -11.03
N SER B 76 46.95 12.67 -11.31
CA SER B 76 47.59 12.52 -12.64
C SER B 76 47.51 11.08 -13.18
N LYS B 77 47.88 10.07 -12.37
CA LYS B 77 47.81 8.62 -12.74
C LYS B 77 46.37 8.10 -12.52
N ASN B 78 45.52 8.83 -11.78
CA ASN B 78 44.08 8.54 -11.50
C ASN B 78 43.93 7.20 -10.77
N THR B 79 44.42 7.12 -9.53
CA THR B 79 44.55 5.85 -8.78
C THR B 79 44.43 6.08 -7.26
N LEU B 80 43.47 5.43 -6.63
CA LEU B 80 43.32 5.23 -5.17
C LEU B 80 44.24 4.07 -4.75
N TYR B 81 45.09 4.28 -3.74
CA TYR B 81 46.11 3.31 -3.25
C TYR B 81 45.83 2.84 -1.82
N LEU B 82 45.66 1.52 -1.59
CA LEU B 82 45.62 0.93 -0.22
C LEU B 82 46.85 0.05 0.05
N GLN B 83 47.73 0.49 0.92
CA GLN B 83 48.89 -0.30 1.40
C GLN B 83 48.49 -1.09 2.67
N MET B 84 48.30 -2.38 2.53
CA MET B 84 47.96 -3.31 3.63
C MET B 84 49.21 -4.09 4.04
N ASN B 85 49.72 -3.77 5.22
CA ASN B 85 50.99 -4.37 5.73
C ASN B 85 50.68 -5.16 6.99
N SER B 86 51.67 -5.92 7.45
CA SER B 86 51.54 -7.01 8.45
C SER B 86 50.13 -7.64 8.39
N LEU B 87 49.82 -8.38 7.31
CA LEU B 87 48.49 -8.99 7.09
C LEU B 87 48.32 -10.20 7.99
N ARG B 88 47.07 -10.58 8.27
CA ARG B 88 46.72 -11.88 8.92
C ARG B 88 45.41 -12.38 8.27
N ALA B 89 44.97 -13.57 8.68
CA ALA B 89 43.92 -14.33 7.93
C ALA B 89 42.55 -13.67 8.09
N GLU B 90 42.40 -12.77 9.06
CA GLU B 90 41.13 -12.03 9.26
C GLU B 90 40.96 -11.17 8.01
N ASP B 91 42.09 -10.56 7.57
CA ASP B 91 42.16 -9.53 6.50
C ASP B 91 41.74 -10.18 5.19
N THR B 92 41.99 -11.49 5.12
CA THR B 92 41.56 -12.31 3.99
C THR B 92 40.11 -11.97 3.75
N ALA B 93 39.84 -11.19 2.70
CA ALA B 93 38.47 -10.79 2.36
C ALA B 93 38.43 -10.31 0.92
N VAL B 94 37.26 -9.96 0.41
CA VAL B 94 37.10 -9.15 -0.82
C VAL B 94 36.96 -7.69 -0.42
N TYR B 95 37.86 -6.85 -0.94
CA TYR B 95 37.96 -5.37 -0.79
C TYR B 95 37.17 -4.76 -1.98
N TYR B 96 36.23 -3.88 -1.64
CA TYR B 96 35.50 -3.02 -2.59
C TYR B 96 35.95 -1.54 -2.47
N CYS B 97 36.36 -0.98 -3.60
CA CYS B 97 36.76 0.45 -3.73
C CYS B 97 35.50 1.27 -4.05
N ALA B 98 35.20 2.27 -3.19
CA ALA B 98 33.93 3.03 -3.31
C ALA B 98 34.15 4.54 -3.45
N LYS B 99 33.27 5.21 -4.17
CA LYS B 99 33.24 6.69 -4.39
C LYS B 99 32.14 7.29 -3.52
N ARG B 100 32.55 8.02 -2.49
CA ARG B 100 31.62 8.75 -1.58
C ARG B 100 30.82 9.81 -2.37
N GLY B 101 29.54 9.51 -2.58
CA GLY B 101 28.58 10.37 -3.30
C GLY B 101 28.54 11.79 -2.78
N ALA B 102 28.81 12.03 -1.48
CA ALA B 102 28.98 13.38 -0.86
C ALA B 102 30.10 13.36 0.18
N ALA B 103 30.61 14.53 0.58
CA ALA B 103 31.65 14.68 1.62
C ALA B 103 31.11 14.29 3.01
N VAL B 104 31.62 13.20 3.53
CA VAL B 104 30.87 12.39 4.54
C VAL B 104 29.39 12.32 4.15
N GLY B 105 29.09 11.46 3.16
CA GLY B 105 27.75 11.00 2.73
C GLY B 105 27.69 9.49 2.63
N SER B 106 27.04 9.00 1.57
CA SER B 106 26.84 7.56 1.32
C SER B 106 28.08 7.00 0.67
N PHE B 107 28.09 5.70 0.41
CA PHE B 107 28.89 5.09 -0.68
C PHE B 107 27.94 4.84 -1.86
N ASP B 108 27.94 5.59 -2.97
CA ASP B 108 26.85 5.37 -3.96
C ASP B 108 27.28 4.42 -5.08
N TYR B 109 28.53 4.52 -5.53
CA TYR B 109 29.03 3.64 -6.61
C TYR B 109 30.17 2.77 -6.05
N TRP B 110 30.26 1.52 -6.53
CA TRP B 110 31.31 0.53 -6.12
C TRP B 110 31.91 -0.16 -7.34
N GLY B 111 32.99 -0.95 -7.09
CA GLY B 111 33.74 -1.81 -8.05
C GLY B 111 33.30 -3.28 -7.98
N GLN B 112 33.54 -4.08 -9.05
CA GLN B 112 33.11 -5.50 -9.20
C GLN B 112 33.82 -6.36 -8.13
N GLY B 113 34.96 -5.88 -7.60
CA GLY B 113 35.57 -6.34 -6.33
C GLY B 113 36.75 -7.26 -6.55
N THR B 114 37.82 -7.09 -5.75
CA THR B 114 39.02 -7.98 -5.76
C THR B 114 39.18 -8.71 -4.41
N LEU B 115 39.56 -9.98 -4.49
CA LEU B 115 39.80 -10.86 -3.33
C LEU B 115 41.28 -10.75 -2.90
N VAL B 116 41.55 -10.71 -1.60
CA VAL B 116 42.90 -10.96 -1.05
C VAL B 116 42.81 -12.14 -0.12
N THR B 117 43.72 -13.12 -0.28
CA THR B 117 43.88 -14.35 0.54
C THR B 117 45.18 -14.24 1.37
N VAL B 118 45.17 -14.73 2.61
CA VAL B 118 46.37 -14.86 3.48
C VAL B 118 46.34 -16.24 4.16
N SER B 119 47.46 -16.95 4.09
CA SER B 119 47.51 -18.31 4.66
C SER B 119 48.91 -18.85 4.57
N SER B 120 49.24 -19.66 5.57
CA SER B 120 50.48 -20.42 5.61
C SER B 120 50.37 -21.48 4.53
N ALA B 121 49.14 -21.82 4.13
CA ALA B 121 48.86 -22.80 3.06
C ALA B 121 49.53 -22.35 1.75
N LYS B 122 50.34 -23.26 1.22
CA LYS B 122 51.01 -23.10 -0.10
C LYS B 122 50.04 -23.51 -1.21
N THR B 123 50.39 -23.24 -2.45
CA THR B 123 49.57 -23.69 -3.62
C THR B 123 49.60 -25.24 -3.67
N THR B 124 48.43 -25.91 -3.52
CA THR B 124 48.30 -27.36 -3.77
C THR B 124 47.26 -27.57 -4.87
N ALA B 125 47.60 -28.33 -5.88
CA ALA B 125 46.64 -28.89 -6.85
C ALA B 125 45.58 -29.77 -6.18
N PRO B 126 44.37 -29.85 -6.80
CA PRO B 126 43.28 -30.65 -6.27
C PRO B 126 43.40 -32.16 -6.55
N SER B 127 42.89 -32.97 -5.61
CA SER B 127 42.48 -34.38 -5.87
C SER B 127 40.97 -34.43 -6.23
N VAL B 128 40.66 -34.98 -7.41
CA VAL B 128 39.26 -35.16 -7.93
C VAL B 128 38.96 -36.64 -7.73
N TYR B 129 37.77 -36.95 -7.18
CA TYR B 129 37.23 -38.32 -7.03
C TYR B 129 35.84 -38.44 -7.66
N PRO B 130 35.54 -39.60 -8.26
CA PRO B 130 34.23 -39.84 -8.87
C PRO B 130 33.22 -40.54 -7.97
N LEU B 131 31.99 -40.01 -7.88
CA LEU B 131 31.00 -40.51 -6.91
C LEU B 131 29.95 -41.39 -7.62
N ALA B 132 29.94 -42.71 -7.28
CA ALA B 132 29.00 -43.75 -7.81
C ALA B 132 28.25 -44.57 -6.69
N PRO B 133 26.87 -44.69 -6.83
CA PRO B 133 25.95 -45.21 -5.77
C PRO B 133 26.12 -46.71 -5.57
N VAL B 134 25.95 -47.31 -4.39
CA VAL B 134 26.43 -48.75 -4.17
C VAL B 134 25.40 -49.88 -3.70
N THR B 135 17.84 -47.98 -4.71
CA THR B 135 17.42 -46.88 -5.62
C THR B 135 16.72 -47.51 -6.83
N THR B 136 15.41 -47.23 -7.01
CA THR B 136 14.53 -47.70 -8.13
C THR B 136 13.96 -46.49 -8.91
N GLY B 137 13.21 -45.59 -8.22
CA GLY B 137 12.51 -44.40 -8.74
C GLY B 137 13.35 -43.66 -9.78
N SER B 138 12.95 -43.69 -11.05
CA SER B 138 13.80 -43.44 -12.25
C SER B 138 14.39 -42.02 -12.21
N SER B 139 15.51 -41.90 -11.48
CA SER B 139 16.37 -40.68 -11.34
C SER B 139 17.64 -41.04 -10.54
N VAL B 140 18.73 -41.33 -11.24
CA VAL B 140 20.01 -41.71 -10.58
C VAL B 140 20.78 -40.43 -10.25
N THR B 141 21.55 -40.48 -9.16
CA THR B 141 22.34 -39.33 -8.67
C THR B 141 23.84 -39.66 -8.60
N LEU B 142 24.69 -38.84 -9.26
CA LEU B 142 26.16 -39.04 -9.41
C LEU B 142 26.87 -37.76 -9.05
N GLY B 143 28.15 -37.82 -8.76
CA GLY B 143 28.79 -36.66 -8.12
C GLY B 143 30.27 -36.63 -8.37
N CYS B 144 30.85 -35.42 -8.40
CA CYS B 144 32.31 -35.15 -8.44
C CYS B 144 32.72 -34.39 -7.18
N LEU B 145 33.45 -35.03 -6.28
CA LEU B 145 33.96 -34.38 -5.06
C LEU B 145 35.44 -34.04 -5.31
N VAL B 146 35.79 -32.83 -4.92
CA VAL B 146 37.13 -32.19 -5.10
C VAL B 146 37.70 -31.87 -3.72
N LYS B 147 38.78 -32.56 -3.33
CA LYS B 147 39.32 -32.52 -1.94
C LYS B 147 40.77 -32.06 -1.99
N GLY B 148 41.25 -31.41 -0.91
CA GLY B 148 42.65 -31.00 -0.66
C GLY B 148 43.22 -30.06 -1.72
N TYR B 149 42.65 -28.85 -1.81
CA TYR B 149 43.09 -27.84 -2.79
C TYR B 149 43.00 -26.47 -2.18
N PHE B 150 43.81 -25.59 -2.74
CA PHE B 150 44.04 -24.22 -2.28
C PHE B 150 44.90 -23.54 -3.29
N PRO B 151 44.65 -22.25 -3.58
CA PRO B 151 43.47 -21.55 -3.09
C PRO B 151 42.26 -21.71 -4.02
N GLU B 152 41.25 -20.85 -3.83
CA GLU B 152 40.02 -20.79 -4.67
C GLU B 152 40.35 -20.01 -5.95
N PRO B 153 39.59 -20.21 -7.03
CA PRO B 153 38.64 -21.32 -7.12
C PRO B 153 39.12 -22.50 -7.97
N VAL B 154 38.32 -23.56 -7.95
CA VAL B 154 38.26 -24.58 -9.02
C VAL B 154 36.94 -24.32 -9.76
N THR B 155 37.00 -24.37 -11.10
CA THR B 155 35.85 -24.09 -12.01
C THR B 155 35.36 -25.47 -12.46
N LEU B 156 34.37 -26.04 -11.77
CA LEU B 156 33.86 -27.42 -12.01
C LEU B 156 32.57 -27.41 -12.83
N THR B 157 32.57 -28.21 -13.91
CA THR B 157 31.38 -28.58 -14.72
C THR B 157 31.42 -30.07 -15.07
N TRP B 158 30.38 -30.50 -15.79
CA TRP B 158 30.21 -31.86 -16.33
C TRP B 158 30.15 -31.77 -17.86
N ASN B 159 30.97 -32.60 -18.52
CA ASN B 159 30.94 -32.87 -19.99
C ASN B 159 31.13 -31.56 -20.75
N SER B 160 31.99 -30.67 -20.24
CA SER B 160 32.41 -29.41 -20.89
C SER B 160 31.20 -28.52 -21.18
N GLY B 161 30.29 -28.40 -20.21
CA GLY B 161 29.11 -27.51 -20.31
C GLY B 161 28.10 -28.02 -21.33
N SER B 162 27.76 -29.31 -21.25
CA SER B 162 26.62 -29.95 -21.95
C SER B 162 25.49 -30.19 -20.96
N LEU B 163 25.82 -30.84 -19.82
CA LEU B 163 24.86 -31.20 -18.74
C LEU B 163 24.75 -30.07 -17.70
N SER B 164 23.65 -29.30 -17.71
CA SER B 164 23.42 -28.05 -16.92
C SER B 164 22.28 -28.18 -15.87
N SER B 165 21.10 -28.68 -16.28
CA SER B 165 19.89 -28.94 -15.44
C SER B 165 19.94 -30.33 -14.80
N GLY B 166 20.21 -30.35 -13.51
CA GLY B 166 20.51 -31.60 -12.78
C GLY B 166 21.77 -31.45 -11.93
N VAL B 167 22.56 -30.42 -12.20
CA VAL B 167 23.84 -30.14 -11.49
C VAL B 167 23.52 -29.51 -10.14
N HIS B 168 24.33 -29.85 -9.14
CA HIS B 168 24.32 -29.23 -7.78
C HIS B 168 25.75 -29.17 -7.21
N THR B 169 26.50 -28.17 -7.64
CA THR B 169 27.83 -27.80 -7.09
C THR B 169 27.59 -26.92 -5.86
N PHE B 170 28.06 -27.36 -4.69
CA PHE B 170 27.93 -26.63 -3.41
C PHE B 170 29.10 -25.68 -3.18
N PRO B 171 29.02 -24.80 -2.16
CA PRO B 171 30.18 -24.01 -1.77
C PRO B 171 31.24 -24.90 -1.09
N ALA B 172 32.49 -24.68 -1.49
CA ALA B 172 33.69 -25.30 -0.87
C ALA B 172 33.87 -24.72 0.53
N VAL B 173 34.31 -25.58 1.44
CA VAL B 173 34.49 -25.24 2.89
C VAL B 173 35.89 -25.65 3.37
N LEU B 174 36.56 -24.76 4.12
CA LEU B 174 37.99 -24.84 4.41
C LEU B 174 38.19 -25.72 5.63
N GLN B 175 39.17 -26.64 5.56
CA GLN B 175 39.61 -27.53 6.67
C GLN B 175 41.07 -27.94 6.47
N SER B 176 41.84 -28.04 7.57
CA SER B 176 43.27 -28.44 7.56
C SER B 176 44.01 -27.71 6.43
N ASP B 177 43.81 -26.39 6.35
CA ASP B 177 44.60 -25.49 5.49
C ASP B 177 44.22 -25.75 4.01
N LEU B 178 43.07 -26.32 3.67
CA LEU B 178 42.68 -26.58 2.26
C LEU B 178 41.16 -26.68 2.13
N TYR B 179 40.63 -26.40 0.93
CA TYR B 179 39.18 -26.44 0.56
C TYR B 179 38.72 -27.84 0.12
N THR B 180 37.41 -28.12 0.23
CA THR B 180 36.75 -29.45 -0.02
C THR B 180 35.36 -29.23 -0.68
N LEU B 181 35.47 -28.90 -1.96
CA LEU B 181 34.33 -28.70 -2.87
C LEU B 181 33.75 -30.06 -3.21
N SER B 182 32.45 -30.10 -3.49
CA SER B 182 31.68 -31.32 -3.86
C SER B 182 30.66 -30.91 -4.90
N SER B 183 30.23 -31.87 -5.72
CA SER B 183 29.19 -31.68 -6.79
C SER B 183 28.32 -32.93 -6.92
N SER B 184 27.05 -32.74 -7.26
CA SER B 184 26.11 -33.79 -7.71
C SER B 184 25.72 -33.54 -9.18
N VAL B 185 24.98 -34.50 -9.72
CA VAL B 185 24.28 -34.42 -11.02
C VAL B 185 23.28 -35.60 -11.09
N THR B 186 22.04 -35.30 -11.46
CA THR B 186 20.86 -36.20 -11.43
C THR B 186 20.25 -36.33 -12.84
N VAL B 187 20.56 -37.46 -13.49
CA VAL B 187 20.02 -37.82 -14.83
C VAL B 187 19.10 -39.03 -14.67
N THR B 188 18.41 -39.39 -15.76
CA THR B 188 17.45 -40.53 -15.83
C THR B 188 18.15 -41.87 -15.56
N SER B 189 17.42 -42.85 -15.01
CA SER B 189 17.98 -44.17 -14.60
C SER B 189 18.34 -45.00 -15.84
N SER B 190 17.81 -44.66 -17.03
CA SER B 190 18.12 -45.33 -18.32
C SER B 190 19.29 -44.64 -19.06
N THR B 191 19.52 -43.33 -18.85
CA THR B 191 20.58 -42.52 -19.56
C THR B 191 21.98 -42.87 -19.09
N TRP B 192 22.09 -43.55 -17.95
CA TRP B 192 23.37 -43.96 -17.31
C TRP B 192 23.32 -45.45 -16.98
N PRO B 193 24.44 -46.21 -17.12
CA PRO B 193 25.70 -45.68 -17.63
C PRO B 193 25.83 -45.75 -19.14
N SER B 194 24.72 -45.74 -19.87
CA SER B 194 24.69 -45.95 -21.35
C SER B 194 25.56 -44.88 -22.04
N GLN B 195 25.35 -43.60 -21.69
CA GLN B 195 26.12 -42.43 -22.23
C GLN B 195 27.27 -42.10 -21.26
N SER B 196 28.51 -41.88 -21.74
CA SER B 196 29.75 -41.69 -20.92
C SER B 196 29.72 -40.34 -20.21
N ILE B 197 29.86 -40.28 -18.86
CA ILE B 197 29.76 -39.02 -18.05
C ILE B 197 31.10 -38.65 -17.36
N THR B 198 31.70 -37.50 -17.71
CA THR B 198 33.01 -36.98 -17.20
C THR B 198 32.75 -35.68 -16.45
N CYS B 199 33.57 -35.39 -15.45
CA CYS B 199 33.53 -34.09 -14.71
C CYS B 199 34.83 -33.34 -14.95
N ASN B 200 34.76 -32.03 -15.21
CA ASN B 200 35.87 -31.15 -15.65
C ASN B 200 36.18 -30.12 -14.58
N VAL B 201 37.32 -30.28 -13.93
CA VAL B 201 37.66 -29.62 -12.65
C VAL B 201 39.04 -29.02 -12.83
N ALA B 202 39.12 -27.70 -13.05
CA ALA B 202 40.37 -26.97 -13.37
C ALA B 202 40.74 -26.07 -12.18
N HIS B 203 42.03 -25.72 -12.03
CA HIS B 203 42.56 -24.87 -10.92
C HIS B 203 43.60 -23.95 -11.51
N PRO B 204 43.24 -22.76 -12.06
CA PRO B 204 44.19 -21.92 -12.77
C PRO B 204 45.39 -21.65 -11.87
N ALA B 205 45.20 -21.68 -10.55
CA ALA B 205 46.29 -21.59 -9.55
C ALA B 205 47.38 -22.60 -9.86
N SER B 206 47.06 -23.90 -9.91
CA SER B 206 48.00 -25.04 -10.15
C SER B 206 48.12 -25.36 -11.67
N SER B 207 47.44 -24.56 -12.50
CA SER B 207 47.38 -24.68 -13.98
C SER B 207 46.84 -26.06 -14.34
N THR B 208 46.15 -26.67 -13.35
CA THR B 208 45.65 -28.08 -13.38
C THR B 208 44.31 -28.10 -14.11
N LYS B 209 44.23 -28.93 -15.16
CA LYS B 209 43.02 -29.28 -15.94
C LYS B 209 42.91 -30.81 -15.91
N VAL B 210 42.14 -31.34 -14.95
CA VAL B 210 41.92 -32.79 -14.75
C VAL B 210 40.50 -33.17 -15.19
N ASP B 211 40.39 -34.35 -15.81
CA ASP B 211 39.14 -35.00 -16.30
C ASP B 211 38.98 -36.35 -15.58
N LYS B 212 37.86 -36.50 -14.86
CA LYS B 212 37.52 -37.73 -14.11
C LYS B 212 36.21 -38.35 -14.64
N LYS B 213 36.32 -39.52 -15.29
CA LYS B 213 35.16 -40.27 -15.82
C LYS B 213 34.62 -41.18 -14.71
N ILE B 214 33.29 -41.15 -14.54
CA ILE B 214 32.51 -41.78 -13.43
C ILE B 214 32.15 -43.24 -13.78
N GLU B 215 33.04 -44.20 -13.45
CA GLU B 215 32.89 -45.68 -13.71
C GLU B 215 31.89 -46.28 -12.70
N PRO B 216 30.98 -47.21 -13.06
CA PRO B 216 29.94 -47.68 -12.13
C PRO B 216 30.20 -48.86 -11.14
N ARG B 217 31.48 -49.22 -10.85
CA ARG B 217 32.02 -50.50 -10.23
C ARG B 217 31.03 -51.32 -9.31
N GLY B 218 31.42 -52.65 -9.11
CA GLY B 218 30.88 -53.80 -8.29
C GLY B 218 31.96 -54.80 -7.84
N CYS C 7 -58.01 20.40 6.16
CA CYS C 7 -57.37 19.19 6.76
C CYS C 7 -58.41 18.12 7.07
N PRO C 8 -58.35 16.92 6.42
CA PRO C 8 -59.31 15.84 6.66
C PRO C 8 -59.31 15.29 8.10
N SER C 9 -60.40 14.63 8.51
CA SER C 9 -60.57 14.02 9.86
C SER C 9 -59.72 12.73 9.95
N GLY C 10 -58.67 12.77 10.76
CA GLY C 10 -57.69 11.67 10.93
C GLY C 10 -56.35 12.03 10.33
N LYS C 11 -56.21 13.18 9.65
CA LYS C 11 -54.96 13.64 9.00
C LYS C 11 -54.30 14.78 9.78
N LYS C 12 -54.91 15.25 10.87
CA LYS C 12 -54.34 16.36 11.71
C LYS C 12 -53.06 15.87 12.40
N ALA C 13 -51.91 16.43 12.05
CA ALA C 13 -50.57 16.03 12.54
C ALA C 13 -50.56 16.02 14.08
N ARG C 14 -50.65 14.81 14.67
CA ARG C 14 -50.59 14.56 16.14
C ARG C 14 -49.15 14.77 16.64
N GLU C 15 -48.13 14.42 15.83
CA GLU C 15 -46.70 14.85 16.00
C GLU C 15 -45.91 14.50 14.72
N ILE C 16 -44.58 14.62 14.75
CA ILE C 16 -43.64 14.41 13.61
C ILE C 16 -43.32 12.92 13.50
N ASP C 17 -43.56 12.29 12.34
CA ASP C 17 -43.43 10.82 12.15
C ASP C 17 -42.95 10.48 10.73
N GLU C 18 -42.83 9.18 10.45
CA GLU C 18 -42.57 8.63 9.09
C GLU C 18 -43.72 9.00 8.14
N SER C 19 -44.97 8.96 8.64
CA SER C 19 -46.24 8.90 7.87
C SER C 19 -46.49 10.21 7.09
N LEU C 20 -45.79 11.29 7.48
CA LEU C 20 -45.96 12.64 6.88
C LEU C 20 -45.45 12.69 5.43
N ILE C 21 -44.66 11.71 5.00
CA ILE C 21 -44.06 11.69 3.64
C ILE C 21 -45.13 11.30 2.62
N PHE C 22 -46.18 10.60 3.05
CA PHE C 22 -47.30 10.15 2.20
C PHE C 22 -48.43 11.17 2.24
N TYR C 23 -48.10 12.42 2.55
CA TYR C 23 -48.98 13.61 2.45
C TYR C 23 -48.67 14.34 1.12
N LYS C 24 -49.31 15.49 0.87
CA LYS C 24 -49.04 16.40 -0.28
C LYS C 24 -48.72 17.82 0.25
N LYS C 25 -48.45 18.75 -0.67
CA LYS C 25 -48.04 20.16 -0.42
C LYS C 25 -49.13 20.90 0.36
N TRP C 26 -50.40 20.70 0.00
CA TRP C 26 -51.57 21.47 0.54
C TRP C 26 -52.02 20.91 1.89
N GLU C 27 -51.79 19.62 2.15
CA GLU C 27 -52.16 18.94 3.43
C GLU C 27 -51.26 19.48 4.55
N LEU C 28 -49.96 19.64 4.26
CA LEU C 28 -48.90 20.11 5.20
C LEU C 28 -49.28 21.48 5.79
N GLU C 29 -49.63 22.44 4.93
CA GLU C 29 -49.93 23.84 5.35
C GLU C 29 -51.18 23.92 6.25
N ALA C 30 -52.14 23.00 6.10
CA ALA C 30 -53.45 22.98 6.80
C ALA C 30 -53.39 22.14 8.09
N CYS C 31 -52.56 21.08 8.14
CA CYS C 31 -52.55 20.03 9.20
C CYS C 31 -51.35 20.18 10.16
N VAL C 32 -50.18 20.57 9.65
CA VAL C 32 -48.94 20.71 10.45
C VAL C 32 -49.01 22.00 11.30
N ASP C 33 -48.56 21.93 12.55
CA ASP C 33 -48.47 23.08 13.49
C ASP C 33 -47.10 23.76 13.37
N ALA C 34 -47.05 25.08 13.51
CA ALA C 34 -45.79 25.86 13.50
C ALA C 34 -45.16 25.89 14.89
N ALA C 35 -45.96 25.81 15.97
CA ALA C 35 -45.51 25.74 17.39
C ALA C 35 -45.05 24.32 17.76
N LEU C 36 -45.03 23.42 16.76
CA LEU C 36 -44.51 22.03 16.87
C LEU C 36 -43.16 21.93 16.13
N LEU C 37 -43.12 22.38 14.88
CA LEU C 37 -42.00 22.19 13.91
C LEU C 37 -40.70 22.78 14.46
N ALA C 38 -40.82 23.84 15.24
CA ALA C 38 -39.70 24.53 15.94
C ALA C 38 -39.11 23.62 17.03
N THR C 39 -39.97 23.14 17.94
CA THR C 39 -39.63 22.38 19.18
C THR C 39 -38.93 21.07 18.78
N GLN C 40 -39.69 20.19 18.11
CA GLN C 40 -39.18 18.95 17.46
C GLN C 40 -38.75 19.29 16.01
N MET C 41 -37.44 19.44 15.77
CA MET C 41 -36.84 19.64 14.41
C MET C 41 -35.82 18.55 14.05
N ASP C 42 -35.02 18.09 15.01
CA ASP C 42 -33.91 17.10 14.80
C ASP C 42 -34.40 15.87 14.00
N ARG C 43 -35.67 15.48 14.19
CA ARG C 43 -36.29 14.28 13.57
C ARG C 43 -36.35 14.45 12.04
N VAL C 44 -36.73 15.62 11.53
CA VAL C 44 -37.06 15.85 10.09
C VAL C 44 -35.83 15.56 9.22
N ASN C 45 -34.63 15.64 9.80
CA ASN C 45 -33.34 15.43 9.11
C ASN C 45 -33.23 13.96 8.69
N ALA C 46 -33.79 13.04 9.47
CA ALA C 46 -33.77 11.58 9.19
C ALA C 46 -34.93 11.24 8.26
N ILE C 47 -36.04 11.98 8.36
CA ILE C 47 -37.30 11.76 7.57
C ILE C 47 -37.04 12.25 6.14
N PRO C 48 -37.05 11.35 5.14
CA PRO C 48 -36.91 11.74 3.74
C PRO C 48 -38.25 12.34 3.24
N PHE C 49 -38.28 13.66 3.14
CA PHE C 49 -39.31 14.44 2.43
C PHE C 49 -38.81 14.74 1.01
N THR C 50 -39.74 14.96 0.07
CA THR C 50 -39.47 15.46 -1.32
C THR C 50 -39.21 16.97 -1.25
N TYR C 51 -38.42 17.50 -2.18
CA TYR C 51 -38.04 18.94 -2.17
C TYR C 51 -39.33 19.75 -2.11
N GLU C 52 -40.37 19.29 -2.82
CA GLU C 52 -41.71 19.96 -2.89
C GLU C 52 -42.33 20.05 -1.50
N GLN C 53 -42.16 19.01 -0.68
CA GLN C 53 -42.66 18.94 0.73
C GLN C 53 -41.79 19.84 1.61
N LEU C 54 -40.48 19.88 1.36
CA LEU C 54 -39.52 20.71 2.12
C LEU C 54 -39.75 22.18 1.81
N ASP C 55 -40.19 22.49 0.58
CA ASP C 55 -40.55 23.85 0.13
C ASP C 55 -41.67 24.40 1.02
N VAL C 56 -42.64 23.55 1.35
CA VAL C 56 -43.80 23.92 2.21
C VAL C 56 -43.31 24.08 3.66
N LEU C 57 -42.43 23.19 4.14
CA LEU C 57 -41.84 23.22 5.50
C LEU C 57 -41.03 24.51 5.69
N LYS C 58 -40.27 24.92 4.66
CA LYS C 58 -39.46 26.16 4.65
C LYS C 58 -40.40 27.36 4.75
N HIS C 59 -41.55 27.30 4.07
CA HIS C 59 -42.61 28.35 4.03
C HIS C 59 -43.36 28.41 5.37
N LYS C 60 -43.48 27.28 6.09
CA LYS C 60 -44.20 27.19 7.39
C LYS C 60 -43.42 27.90 8.50
N LEU C 61 -42.09 27.87 8.44
CA LEU C 61 -41.20 28.47 9.47
C LEU C 61 -40.94 29.95 9.14
N ASP C 62 -41.09 30.35 7.88
CA ASP C 62 -41.00 31.77 7.43
C ASP C 62 -42.08 32.59 8.16
N GLU C 63 -43.27 31.99 8.33
CA GLU C 63 -44.49 32.58 8.97
C GLU C 63 -44.24 32.75 10.49
N LEU C 64 -43.48 31.85 11.12
CA LEU C 64 -43.17 31.89 12.58
C LEU C 64 -41.99 32.85 12.86
N TYR C 65 -40.81 32.62 12.25
CA TYR C 65 -39.58 33.45 12.40
C TYR C 65 -39.31 34.24 11.11
N PRO C 66 -39.76 35.52 11.01
CA PRO C 66 -39.64 36.28 9.77
C PRO C 66 -38.32 37.04 9.57
N GLN C 67 -37.71 37.63 10.60
CA GLN C 67 -36.52 38.54 10.49
C GLN C 67 -35.26 37.70 10.23
N GLY C 68 -34.93 36.81 11.18
CA GLY C 68 -33.86 35.79 11.07
C GLY C 68 -34.33 34.43 11.58
N TYR C 69 -33.43 33.63 12.19
CA TYR C 69 -33.64 32.27 12.77
C TYR C 69 -32.76 32.07 14.00
N PRO C 70 -33.32 31.85 15.21
CA PRO C 70 -32.54 31.87 16.46
C PRO C 70 -31.40 30.84 16.52
N GLU C 71 -30.64 30.85 17.63
CA GLU C 71 -29.57 29.88 18.00
C GLU C 71 -30.11 28.43 17.92
N SER C 72 -31.37 28.27 18.31
CA SER C 72 -32.19 27.02 18.32
C SER C 72 -32.31 26.39 16.92
N VAL C 73 -32.59 27.19 15.88
CA VAL C 73 -33.18 26.70 14.59
C VAL C 73 -32.05 26.22 13.68
N ILE C 74 -30.88 26.84 13.77
CA ILE C 74 -29.81 26.69 12.74
C ILE C 74 -29.03 25.36 12.92
N GLN C 75 -29.11 24.75 14.11
CA GLN C 75 -28.45 23.47 14.48
C GLN C 75 -28.88 22.32 13.55
N HIS C 76 -30.19 22.19 13.35
CA HIS C 76 -30.84 21.11 12.58
C HIS C 76 -31.30 21.65 11.20
N LEU C 77 -30.77 22.80 10.74
CA LEU C 77 -31.06 23.43 9.41
C LEU C 77 -30.84 22.40 8.30
N GLY C 78 -29.72 21.70 8.38
CA GLY C 78 -29.43 20.57 7.48
C GLY C 78 -29.43 21.00 6.03
N TYR C 79 -30.49 20.64 5.29
CA TYR C 79 -30.50 20.58 3.81
C TYR C 79 -31.22 21.80 3.26
N LEU C 80 -31.27 22.88 4.07
CA LEU C 80 -31.94 24.16 3.76
C LEU C 80 -30.93 25.31 3.61
N PHE C 81 -29.78 25.19 4.30
CA PHE C 81 -28.60 26.10 4.16
C PHE C 81 -28.33 26.38 2.68
N LEU C 82 -28.53 25.38 1.81
CA LEU C 82 -28.33 25.45 0.33
C LEU C 82 -29.36 26.39 -0.29
N LYS C 83 -30.63 26.25 0.12
CA LYS C 83 -31.78 27.07 -0.35
C LYS C 83 -31.56 28.53 0.06
N MET C 84 -31.13 28.77 1.32
CA MET C 84 -31.03 30.12 1.95
C MET C 84 -30.08 31.01 1.13
N SER C 85 -30.55 32.21 0.71
CA SER C 85 -29.83 33.20 -0.14
C SER C 85 -29.26 34.32 0.72
N PRO C 86 -28.22 35.05 0.24
CA PRO C 86 -27.54 36.05 1.06
C PRO C 86 -28.38 37.20 1.64
N GLU C 87 -29.51 37.53 0.99
CA GLU C 87 -30.37 38.69 1.35
C GLU C 87 -30.88 38.56 2.80
N ASP C 88 -31.20 37.34 3.24
CA ASP C 88 -31.76 37.02 4.60
C ASP C 88 -30.65 36.57 5.56
N ILE C 89 -29.62 35.88 5.02
CA ILE C 89 -28.43 35.39 5.79
C ILE C 89 -27.75 36.57 6.48
N ARG C 90 -27.78 37.75 5.85
CA ARG C 90 -27.22 39.01 6.40
C ARG C 90 -27.75 39.27 7.81
N LYS C 91 -29.04 39.02 8.06
CA LYS C 91 -29.74 39.34 9.33
C LYS C 91 -29.83 38.07 10.20
N TRP C 92 -28.70 37.38 10.40
CA TRP C 92 -28.55 36.15 11.22
C TRP C 92 -27.60 36.40 12.41
N ASN C 93 -27.55 35.42 13.32
CA ASN C 93 -26.78 35.36 14.59
C ASN C 93 -26.47 33.88 14.90
N VAL C 94 -25.29 33.59 15.46
CA VAL C 94 -24.70 32.21 15.63
C VAL C 94 -24.21 31.99 17.07
N THR C 95 -22.93 32.34 17.32
CA THR C 95 -22.22 32.27 18.64
C THR C 95 -22.30 30.85 19.22
N SER C 96 -21.91 29.85 18.43
CA SER C 96 -21.89 28.41 18.80
C SER C 96 -21.05 27.66 17.76
N LEU C 97 -20.01 26.93 18.21
CA LEU C 97 -19.05 26.21 17.33
C LEU C 97 -19.71 24.99 16.69
N GLU C 98 -20.84 24.55 17.27
CA GLU C 98 -21.59 23.32 16.90
C GLU C 98 -22.35 23.57 15.59
N THR C 99 -23.26 24.55 15.58
CA THR C 99 -24.11 24.97 14.43
C THR C 99 -23.27 25.09 13.16
N LEU C 100 -22.06 25.61 13.33
CA LEU C 100 -21.07 25.83 12.24
C LEU C 100 -20.90 24.53 11.46
N LYS C 101 -20.36 23.51 12.13
CA LYS C 101 -19.91 22.25 11.49
C LYS C 101 -21.04 21.69 10.62
N ALA C 102 -22.29 21.73 11.11
CA ALA C 102 -23.50 21.20 10.43
C ALA C 102 -23.67 21.86 9.07
N LEU C 103 -23.57 23.19 9.01
CA LEU C 103 -23.76 23.99 7.77
C LEU C 103 -22.61 23.73 6.79
N LEU C 104 -21.44 23.34 7.30
CA LEU C 104 -20.21 23.16 6.48
C LEU C 104 -20.15 21.71 5.98
N GLU C 105 -20.66 20.77 6.78
CA GLU C 105 -20.75 19.34 6.39
C GLU C 105 -21.60 19.24 5.12
N VAL C 106 -22.77 19.89 5.13
CA VAL C 106 -23.75 19.86 4.01
C VAL C 106 -23.23 20.69 2.82
N ASN C 107 -22.49 21.77 3.08
CA ASN C 107 -21.80 22.57 2.03
C ASN C 107 -20.78 21.69 1.30
N LYS C 108 -20.25 20.62 1.96
CA LYS C 108 -19.34 19.56 1.41
C LYS C 108 -20.15 18.51 0.62
N GLY C 109 -21.41 18.83 0.28
CA GLY C 109 -22.28 18.20 -0.74
C GLY C 109 -22.18 18.98 -2.05
N HIS C 110 -20.95 18.97 -2.58
CA HIS C 110 -20.49 19.49 -3.90
C HIS C 110 -19.30 18.62 -4.34
N GLU C 111 -19.61 17.47 -4.96
CA GLU C 111 -18.66 16.57 -5.67
C GLU C 111 -18.87 16.72 -7.19
N MET C 112 -19.25 17.93 -7.65
CA MET C 112 -19.46 18.31 -9.09
C MET C 112 -18.11 18.60 -9.74
N SER C 113 -17.30 19.49 -9.14
CA SER C 113 -15.96 19.91 -9.64
C SER C 113 -14.93 19.85 -8.53
N PRO C 114 -14.21 18.71 -8.35
CA PRO C 114 -13.15 18.60 -7.36
C PRO C 114 -12.06 19.68 -7.50
N GLN C 115 -11.77 20.17 -8.71
CA GLN C 115 -10.95 21.40 -8.93
C GLN C 115 -11.88 22.61 -9.01
N ALA C 116 -11.42 23.77 -8.53
CA ALA C 116 -12.15 25.07 -8.53
C ALA C 116 -12.93 25.23 -9.82
N PRO C 117 -14.29 25.16 -9.80
CA PRO C 117 -15.10 25.21 -11.01
C PRO C 117 -15.38 26.60 -11.61
N ARG C 118 -14.56 27.61 -11.25
CA ARG C 118 -14.78 29.02 -11.68
C ARG C 118 -15.88 29.63 -10.78
N ARG C 119 -16.16 29.02 -9.62
CA ARG C 119 -17.09 29.53 -8.56
C ARG C 119 -16.95 28.63 -7.32
N PRO C 120 -15.77 28.61 -6.64
CA PRO C 120 -15.52 27.74 -5.48
C PRO C 120 -16.47 27.96 -4.29
N LEU C 121 -16.66 29.20 -3.82
CA LEU C 121 -17.40 29.54 -2.57
C LEU C 121 -18.46 30.65 -2.80
N PRO C 122 -19.80 30.37 -2.84
CA PRO C 122 -20.80 31.43 -3.02
C PRO C 122 -21.26 32.14 -1.72
N GLN C 123 -22.21 31.54 -0.98
CA GLN C 123 -22.92 32.16 0.18
C GLN C 123 -22.28 31.69 1.49
N VAL C 124 -21.37 30.74 1.41
CA VAL C 124 -20.58 30.31 2.59
C VAL C 124 -19.63 31.45 2.97
N ALA C 125 -19.08 32.14 1.96
CA ALA C 125 -18.15 33.29 2.08
C ALA C 125 -18.69 34.22 3.16
N THR C 126 -20.00 34.45 3.13
CA THR C 126 -20.74 35.44 3.95
C THR C 126 -20.81 34.96 5.41
N LEU C 127 -21.35 33.76 5.60
CA LEU C 127 -21.45 33.08 6.92
C LEU C 127 -20.13 33.23 7.71
N ILE C 128 -18.99 33.02 7.05
CA ILE C 128 -17.64 33.07 7.68
C ILE C 128 -17.40 34.47 8.25
N ASP C 129 -17.37 35.49 7.37
CA ASP C 129 -17.19 36.92 7.74
C ASP C 129 -18.26 37.31 8.76
N ARG C 130 -19.45 36.70 8.68
CA ARG C 130 -20.58 36.92 9.61
C ARG C 130 -20.22 36.39 11.01
N PHE C 131 -19.49 35.27 11.08
CA PHE C 131 -19.09 34.62 12.35
C PHE C 131 -17.89 35.33 13.00
N VAL C 132 -16.81 35.50 12.24
CA VAL C 132 -15.55 36.09 12.76
C VAL C 132 -15.83 37.42 13.48
N LYS C 133 -16.77 38.23 12.97
CA LYS C 133 -17.27 39.50 13.59
C LYS C 133 -18.03 39.18 14.89
N GLY C 134 -18.87 38.14 14.86
CA GLY C 134 -19.64 37.65 16.02
C GLY C 134 -18.76 37.17 17.16
N ARG C 135 -17.74 36.32 16.87
CA ARG C 135 -16.77 35.72 17.85
C ARG C 135 -15.82 36.81 18.34
N GLY C 136 -15.56 37.79 17.45
CA GLY C 136 -14.68 38.95 17.72
C GLY C 136 -13.41 38.83 16.91
N GLN C 137 -12.62 37.80 17.15
CA GLN C 137 -11.30 37.60 16.50
C GLN C 137 -11.36 36.28 15.72
N LEU C 138 -10.22 35.61 15.63
CA LEU C 138 -10.11 34.24 15.08
C LEU C 138 -9.54 33.26 16.12
N ASP C 139 -10.41 32.60 16.90
CA ASP C 139 -10.08 31.72 18.07
C ASP C 139 -9.19 30.54 17.60
N LYS C 140 -8.44 29.93 18.52
CA LYS C 140 -7.62 28.70 18.29
C LYS C 140 -8.52 27.60 17.73
N ASP C 141 -9.56 27.33 18.54
CA ASP C 141 -10.69 26.41 18.29
C ASP C 141 -11.27 26.65 16.89
N THR C 142 -11.56 27.92 16.63
CA THR C 142 -12.27 28.39 15.41
C THR C 142 -11.48 27.93 14.18
N LEU C 143 -10.18 28.22 14.13
CA LEU C 143 -9.37 27.93 12.91
C LEU C 143 -9.30 26.42 12.65
N ASP C 144 -9.25 25.62 13.73
CA ASP C 144 -9.12 24.13 13.67
C ASP C 144 -10.24 23.57 12.78
N THR C 145 -11.46 24.02 13.02
CA THR C 145 -12.71 23.53 12.37
C THR C 145 -12.86 24.11 10.94
N LEU C 146 -12.17 25.22 10.68
CA LEU C 146 -12.20 25.90 9.36
C LEU C 146 -11.24 25.20 8.38
N THR C 147 -10.01 24.96 8.83
CA THR C 147 -8.94 24.30 8.05
C THR C 147 -9.34 22.86 7.79
N ALA C 148 -10.36 22.35 8.51
CA ALA C 148 -10.94 20.99 8.36
C ALA C 148 -11.87 20.93 7.15
N PHE C 149 -12.41 22.07 6.69
CA PHE C 149 -13.25 22.19 5.46
C PHE C 149 -12.52 22.94 4.33
N TYR C 150 -11.79 23.99 4.68
CA TYR C 150 -10.97 24.77 3.74
C TYR C 150 -9.65 25.10 4.42
N PRO C 151 -8.57 24.35 4.14
CA PRO C 151 -7.27 24.64 4.74
C PRO C 151 -6.55 25.77 3.98
N GLY C 152 -6.67 25.75 2.64
CA GLY C 152 -6.10 26.75 1.72
C GLY C 152 -6.68 28.14 1.90
N TYR C 153 -7.71 28.37 2.75
CA TYR C 153 -8.40 29.68 2.99
C TYR C 153 -7.45 30.64 3.71
N LEU C 154 -6.55 30.09 4.53
CA LEU C 154 -5.53 30.88 5.23
C LEU C 154 -4.70 31.75 4.27
N CYS C 155 -4.14 31.18 3.20
CA CYS C 155 -3.33 31.93 2.20
C CYS C 155 -4.22 32.52 1.10
N SER C 156 -5.55 32.59 1.34
CA SER C 156 -6.58 33.20 0.44
C SER C 156 -7.26 34.38 1.12
N LEU C 157 -6.59 35.01 2.09
CA LEU C 157 -6.98 36.30 2.71
C LEU C 157 -6.11 37.45 2.18
N SER C 158 -6.44 38.69 2.55
CA SER C 158 -5.67 39.92 2.25
C SER C 158 -4.74 40.23 3.41
N PRO C 159 -3.56 40.84 3.12
CA PRO C 159 -2.55 41.10 4.15
C PRO C 159 -3.15 41.66 5.44
N GLU C 160 -4.29 42.36 5.37
CA GLU C 160 -4.96 43.02 6.52
C GLU C 160 -5.47 41.95 7.47
N GLU C 161 -6.36 41.12 6.97
CA GLU C 161 -7.10 40.18 7.84
C GLU C 161 -6.09 39.21 8.47
N LEU C 162 -4.90 39.06 7.85
CA LEU C 162 -3.79 38.17 8.29
C LEU C 162 -3.17 38.71 9.59
N SER C 163 -3.12 40.03 9.73
CA SER C 163 -2.37 40.71 10.81
C SER C 163 -3.24 40.86 12.07
N SER C 164 -4.57 40.79 11.90
CA SER C 164 -5.59 40.84 12.99
C SER C 164 -5.76 39.44 13.57
N VAL C 165 -4.65 38.74 13.89
CA VAL C 165 -4.62 37.26 14.17
C VAL C 165 -3.63 36.92 15.28
N PRO C 166 -4.12 36.69 16.52
CA PRO C 166 -3.24 36.54 17.68
C PRO C 166 -2.34 35.30 17.66
N PRO C 167 -1.20 35.31 18.39
CA PRO C 167 -0.22 34.21 18.40
C PRO C 167 -0.78 32.82 18.74
N SER C 168 -1.75 32.76 19.67
CA SER C 168 -2.32 31.49 20.23
C SER C 168 -3.36 30.89 19.27
N SER C 169 -3.38 31.38 18.02
CA SER C 169 -4.19 30.83 16.90
C SER C 169 -3.28 30.48 15.70
N ILE C 170 -1.98 30.25 15.93
CA ILE C 170 -1.01 29.66 14.95
C ILE C 170 -0.89 28.14 15.16
N TRP C 171 -1.20 27.66 16.37
CA TRP C 171 -1.04 26.24 16.76
C TRP C 171 -1.84 25.39 15.80
N ALA C 172 -3.05 25.85 15.43
CA ALA C 172 -4.06 25.12 14.60
C ALA C 172 -3.58 24.99 13.13
N VAL C 173 -2.37 25.48 12.83
CA VAL C 173 -1.73 25.40 11.49
C VAL C 173 -0.79 24.19 11.42
N ARG C 174 -0.91 23.38 10.38
CA ARG C 174 0.13 22.41 9.96
C ARG C 174 0.60 22.90 8.58
N PRO C 175 1.83 22.57 8.15
CA PRO C 175 2.38 23.07 6.88
C PRO C 175 1.62 22.74 5.58
N GLN C 176 0.48 22.02 5.66
CA GLN C 176 -0.47 21.69 4.56
C GLN C 176 -1.23 22.93 4.07
N ASP C 177 -1.35 23.95 4.93
CA ASP C 177 -2.13 25.20 4.69
C ASP C 177 -1.31 26.19 3.83
N LEU C 178 0.01 26.17 4.04
CA LEU C 178 1.02 27.13 3.56
C LEU C 178 1.72 26.60 2.32
N ASP C 179 0.92 26.16 1.37
CA ASP C 179 1.41 25.65 0.07
C ASP C 179 1.37 26.83 -0.93
N THR C 180 0.21 27.47 -1.10
CA THR C 180 0.01 28.59 -2.06
C THR C 180 0.12 29.93 -1.31
N CYS C 181 1.26 30.14 -0.64
CA CYS C 181 1.62 31.40 0.07
C CYS C 181 2.89 32.00 -0.57
N ASP C 182 2.86 33.31 -0.89
CA ASP C 182 3.99 34.08 -1.49
C ASP C 182 4.70 34.89 -0.40
N PRO C 183 5.94 35.41 -0.64
CA PRO C 183 6.76 35.98 0.43
C PRO C 183 6.07 37.06 1.27
N ARG C 184 5.16 37.81 0.66
CA ARG C 184 4.41 38.91 1.34
C ARG C 184 3.61 38.33 2.52
N GLN C 185 2.78 37.29 2.28
CA GLN C 185 1.81 36.75 3.30
C GLN C 185 2.54 36.01 4.43
N LEU C 186 3.73 35.47 4.16
CA LEU C 186 4.54 34.67 5.12
C LEU C 186 5.28 35.57 6.13
N ASP C 187 5.68 36.76 5.68
CA ASP C 187 6.30 37.82 6.51
C ASP C 187 5.33 38.23 7.61
N VAL C 188 4.04 38.29 7.29
CA VAL C 188 2.94 38.65 8.24
C VAL C 188 2.84 37.59 9.34
N LEU C 189 2.86 36.33 8.97
CA LEU C 189 2.58 35.20 9.88
C LEU C 189 3.82 34.89 10.73
N TYR C 190 5.02 35.12 10.17
CA TYR C 190 6.32 34.59 10.67
C TYR C 190 6.50 34.91 12.15
N PRO C 191 6.63 36.20 12.48
CA PRO C 191 6.90 36.56 13.87
C PRO C 191 5.85 35.97 14.80
N LYS C 192 4.55 36.09 14.44
CA LYS C 192 3.38 35.65 15.27
C LYS C 192 3.65 34.25 15.81
N ALA C 193 4.26 33.40 14.99
CA ALA C 193 4.76 32.07 15.39
C ALA C 193 5.90 32.23 16.40
N ARG C 194 6.92 33.01 16.05
CA ARG C 194 8.15 33.16 16.87
C ARG C 194 7.81 33.75 18.25
N LEU C 195 6.67 34.43 18.33
CA LEU C 195 6.15 35.04 19.58
C LEU C 195 5.23 34.04 20.29
N ALA C 196 4.59 33.14 19.55
CA ALA C 196 3.75 32.05 20.11
C ALA C 196 4.64 30.95 20.75
N PHE C 197 5.71 30.56 20.07
CA PHE C 197 6.60 29.41 20.45
C PHE C 197 7.89 29.92 21.08
N GLN C 198 7.77 30.88 21.99
CA GLN C 198 8.92 31.56 22.64
C GLN C 198 9.16 30.96 24.03
N ASN C 199 8.12 30.34 24.61
CA ASN C 199 8.18 29.67 25.94
C ASN C 199 8.58 28.21 25.67
N MET C 200 9.55 27.96 24.76
CA MET C 200 9.99 26.62 24.26
C MET C 200 11.44 26.66 23.76
N ASN C 201 12.02 25.47 23.47
CA ASN C 201 13.46 25.29 23.17
C ASN C 201 13.77 23.92 22.53
N GLY C 202 14.89 23.86 21.79
CA GLY C 202 15.55 22.64 21.27
C GLY C 202 14.84 22.04 20.07
N SER C 203 14.75 20.71 20.05
CA SER C 203 14.04 19.90 19.03
C SER C 203 12.54 20.19 19.09
N GLU C 204 12.00 20.34 20.30
CA GLU C 204 10.58 20.68 20.55
C GLU C 204 10.28 22.00 19.83
N TYR C 205 11.26 22.93 19.76
CA TYR C 205 11.12 24.26 19.12
C TYR C 205 10.95 24.04 17.62
N PHE C 206 11.92 23.39 17.01
CA PHE C 206 12.06 23.41 15.53
C PHE C 206 10.81 22.80 14.89
N VAL C 207 10.47 21.57 15.30
CA VAL C 207 9.44 20.70 14.65
C VAL C 207 8.34 21.56 14.00
N LYS C 208 7.82 22.51 14.79
CA LYS C 208 6.62 23.30 14.44
C LYS C 208 7.03 24.44 13.49
N ILE C 209 8.19 25.08 13.76
CA ILE C 209 8.67 26.35 13.12
C ILE C 209 8.95 26.19 11.62
N GLN C 210 9.17 24.94 11.19
CA GLN C 210 9.74 24.60 9.86
C GLN C 210 8.87 25.19 8.73
N SER C 211 7.55 25.25 8.94
CA SER C 211 6.52 25.58 7.91
C SER C 211 6.72 27.00 7.35
N PHE C 212 7.23 27.91 8.17
CA PHE C 212 7.21 29.36 7.89
C PHE C 212 8.57 29.87 7.44
N LEU C 213 9.63 29.05 7.58
CA LEU C 213 11.04 29.55 7.55
C LEU C 213 11.34 30.20 6.20
N GLY C 214 10.48 30.04 5.19
CA GLY C 214 10.58 30.73 3.88
C GLY C 214 10.62 32.26 4.00
N GLY C 215 9.85 32.82 4.94
CA GLY C 215 9.85 34.26 5.23
C GLY C 215 10.52 34.55 6.57
N ALA C 216 11.83 34.28 6.67
CA ALA C 216 12.70 34.58 7.83
C ALA C 216 14.03 35.21 7.37
N PRO C 217 14.80 35.84 8.29
CA PRO C 217 16.01 36.59 7.93
C PRO C 217 17.35 35.94 8.28
N THR C 218 18.44 36.40 7.69
CA THR C 218 19.82 35.89 7.96
C THR C 218 20.14 35.79 9.47
N GLU C 219 19.72 36.79 10.26
CA GLU C 219 20.08 36.97 11.70
C GLU C 219 19.64 35.76 12.53
N ASP C 220 18.66 35.02 12.00
CA ASP C 220 18.10 33.82 12.69
C ASP C 220 18.38 32.55 11.87
N LEU C 221 19.28 32.61 10.90
CA LEU C 221 19.85 31.40 10.26
C LEU C 221 21.17 31.08 10.94
N LYS C 222 21.90 32.12 11.29
CA LYS C 222 23.09 32.05 12.16
C LYS C 222 22.72 31.26 13.44
N ALA C 223 21.69 31.73 14.18
CA ALA C 223 21.32 31.32 15.55
C ALA C 223 20.80 29.89 15.57
N LEU C 224 20.40 29.37 14.42
CA LEU C 224 19.80 28.01 14.30
C LEU C 224 20.90 26.95 14.28
N SER C 225 22.00 27.27 13.59
CA SER C 225 23.16 26.36 13.33
C SER C 225 23.72 25.84 14.65
N GLN C 226 23.70 26.69 15.72
CA GLN C 226 24.37 26.42 17.02
C GLN C 226 23.48 25.54 17.91
N GLN C 227 22.42 24.96 17.33
CA GLN C 227 21.60 23.90 17.98
C GLN C 227 21.83 22.53 17.30
N ASN C 228 22.85 22.40 16.43
CA ASN C 228 23.20 21.14 15.72
C ASN C 228 22.00 20.62 14.91
N VAL C 229 21.09 21.49 14.42
CA VAL C 229 19.75 21.10 13.84
C VAL C 229 19.95 20.52 12.44
N SER C 230 18.98 19.73 12.00
CA SER C 230 18.93 19.10 10.67
C SER C 230 17.82 19.76 9.84
N MET C 231 18.10 20.14 8.61
CA MET C 231 17.08 20.61 7.64
C MET C 231 17.13 19.78 6.36
N ASP C 232 15.97 19.53 5.75
CA ASP C 232 15.82 18.83 4.45
C ASP C 232 16.13 19.78 3.28
N LEU C 233 16.07 19.30 2.04
CA LEU C 233 16.36 20.04 0.79
C LEU C 233 15.11 20.78 0.35
N ALA C 234 13.93 20.17 0.49
CA ALA C 234 12.61 20.74 0.11
C ALA C 234 12.33 22.02 0.92
N THR C 235 12.88 22.06 2.15
CA THR C 235 12.75 23.18 3.12
C THR C 235 13.88 24.19 2.88
N PHE C 236 14.66 24.03 1.84
CA PHE C 236 15.73 24.98 1.45
C PHE C 236 15.32 25.78 0.20
N MET C 237 14.53 25.17 -0.69
CA MET C 237 13.98 25.84 -1.92
C MET C 237 13.00 26.95 -1.52
N LYS C 238 12.40 26.85 -0.33
CA LYS C 238 11.48 27.87 0.25
C LYS C 238 12.25 29.16 0.51
N LEU C 239 13.43 29.06 1.11
CA LEU C 239 14.16 30.19 1.74
C LEU C 239 14.26 31.42 0.82
N ARG C 240 14.16 32.60 1.43
CA ARG C 240 14.29 33.92 0.76
C ARG C 240 15.75 34.06 0.27
N THR C 241 15.89 34.29 -1.05
CA THR C 241 17.13 34.63 -1.80
C THR C 241 18.12 35.32 -0.86
N ASP C 242 17.72 36.46 -0.27
CA ASP C 242 18.59 37.50 0.33
C ASP C 242 18.87 37.17 1.80
N ALA C 243 18.37 36.05 2.30
CA ALA C 243 18.74 35.56 3.64
C ALA C 243 19.90 34.56 3.51
N VAL C 244 20.17 34.07 2.30
CA VAL C 244 21.08 32.92 2.01
C VAL C 244 22.53 33.42 1.81
N LEU C 245 22.73 34.60 1.22
CA LEU C 245 24.03 35.03 0.59
C LEU C 245 25.09 35.50 1.61
N PRO C 246 24.69 35.94 2.82
CA PRO C 246 25.67 36.21 3.88
C PRO C 246 26.35 35.00 4.52
N LEU C 247 25.88 33.79 4.16
CA LEU C 247 26.11 32.48 4.84
C LEU C 247 27.38 31.82 4.28
N THR C 248 28.16 31.21 5.17
CA THR C 248 29.45 30.54 4.87
C THR C 248 29.15 29.11 4.48
N VAL C 249 30.21 28.39 4.17
CA VAL C 249 30.13 26.96 3.79
C VAL C 249 29.66 26.17 5.03
N ALA C 250 30.42 26.24 6.13
CA ALA C 250 30.22 25.41 7.34
C ALA C 250 28.80 25.57 7.87
N GLU C 251 28.22 26.78 7.78
CA GLU C 251 26.82 27.08 8.24
C GLU C 251 25.83 26.21 7.49
N VAL C 252 25.88 26.26 6.16
CA VAL C 252 25.00 25.46 5.27
C VAL C 252 25.15 23.97 5.64
N GLN C 253 26.40 23.53 5.85
CA GLN C 253 26.80 22.11 6.12
C GLN C 253 26.35 21.71 7.54
N LYS C 254 26.07 22.70 8.40
CA LYS C 254 25.59 22.51 9.80
C LYS C 254 24.07 22.70 9.84
N LEU C 255 23.42 22.60 8.67
CA LEU C 255 21.95 22.67 8.51
C LEU C 255 21.44 21.49 7.69
N LEU C 256 21.78 21.49 6.38
CA LEU C 256 21.34 20.45 5.39
C LEU C 256 22.06 19.14 5.65
N GLY C 257 23.30 19.26 6.14
CA GLY C 257 24.12 18.18 6.68
C GLY C 257 23.81 16.86 5.99
N PRO C 258 22.99 15.96 6.61
CA PRO C 258 22.84 14.63 6.06
C PRO C 258 22.06 14.76 4.75
N HIS C 259 21.18 15.78 4.62
CA HIS C 259 20.22 15.86 3.48
C HIS C 259 20.86 16.54 2.26
N VAL C 260 22.16 16.76 2.28
CA VAL C 260 22.92 17.57 1.25
C VAL C 260 23.27 16.81 -0.05
N GLU C 261 23.58 15.52 0.02
CA GLU C 261 24.10 14.69 -1.11
C GLU C 261 23.50 15.13 -2.45
N GLY C 262 22.18 15.01 -2.60
CA GLY C 262 21.46 15.43 -3.82
C GLY C 262 21.34 16.95 -3.87
N LEU C 263 22.47 17.64 -4.03
CA LEU C 263 22.52 19.10 -4.32
C LEU C 263 22.76 19.30 -5.82
N LYS C 264 23.77 18.58 -6.35
CA LYS C 264 24.11 18.47 -7.79
C LYS C 264 22.84 18.64 -8.65
N ALA C 265 21.79 17.83 -8.46
CA ALA C 265 20.54 17.87 -9.25
C ALA C 265 19.92 19.29 -9.21
N GLU C 266 19.55 19.83 -8.03
CA GLU C 266 19.01 21.22 -7.86
C GLU C 266 20.21 22.19 -7.73
N GLU C 267 20.94 22.41 -8.84
CA GLU C 267 22.02 23.42 -9.00
C GLU C 267 21.49 24.65 -9.71
N ARG C 268 20.83 24.48 -10.87
CA ARG C 268 20.14 25.55 -11.65
C ARG C 268 18.70 25.71 -11.11
N HIS C 269 18.58 26.34 -9.93
CA HIS C 269 17.31 26.71 -9.25
C HIS C 269 17.51 27.98 -8.42
N ARG C 270 16.49 28.34 -7.61
CA ARG C 270 16.25 29.69 -7.02
C ARG C 270 17.43 30.05 -6.10
N PRO C 271 17.51 29.56 -4.84
CA PRO C 271 18.44 30.10 -3.87
C PRO C 271 19.86 29.49 -3.92
N VAL C 272 20.14 28.77 -5.01
CA VAL C 272 21.41 27.99 -5.22
C VAL C 272 22.27 28.65 -6.30
N ARG C 273 21.77 28.67 -7.56
CA ARG C 273 22.45 29.06 -8.83
C ARG C 273 23.36 30.27 -8.58
N ASP C 274 22.96 31.17 -7.68
CA ASP C 274 23.70 32.40 -7.31
C ASP C 274 24.65 32.10 -6.14
N TRP C 275 24.19 31.48 -5.04
CA TRP C 275 25.01 31.28 -3.82
C TRP C 275 26.26 30.47 -4.15
N ILE C 276 26.17 29.54 -5.10
CA ILE C 276 27.34 28.77 -5.63
C ILE C 276 28.45 29.76 -6.06
N LEU C 277 28.13 30.64 -7.01
CA LEU C 277 29.08 31.55 -7.68
C LEU C 277 29.71 32.46 -6.62
N ARG C 278 28.87 32.96 -5.70
CA ARG C 278 29.22 33.89 -4.59
C ARG C 278 30.44 33.35 -3.84
N GLN C 279 30.46 32.07 -3.48
CA GLN C 279 31.57 31.47 -2.68
C GLN C 279 32.78 31.18 -3.58
N ARG C 280 33.89 30.79 -2.96
CA ARG C 280 35.18 30.49 -3.64
C ARG C 280 35.13 29.07 -4.24
N GLN C 281 35.89 28.82 -5.32
CA GLN C 281 35.99 27.47 -5.95
C GLN C 281 36.50 26.44 -4.95
N ASP C 282 37.68 26.67 -4.35
CA ASP C 282 38.32 25.84 -3.30
C ASP C 282 37.31 25.48 -2.21
N ASP C 283 36.57 26.48 -1.73
CA ASP C 283 35.60 26.36 -0.60
C ASP C 283 34.54 25.33 -0.95
N LEU C 284 34.10 25.31 -2.21
CA LEU C 284 33.03 24.39 -2.68
C LEU C 284 33.58 22.98 -2.85
N ASP C 285 34.84 22.86 -3.20
CA ASP C 285 35.49 21.56 -3.49
C ASP C 285 35.67 20.79 -2.19
N THR C 286 35.72 21.45 -1.03
CA THR C 286 35.81 20.78 0.28
C THR C 286 34.48 20.15 0.65
N LEU C 287 33.39 20.54 -0.04
CA LEU C 287 32.05 19.90 -0.01
C LEU C 287 32.00 18.63 -0.87
N GLY C 288 32.95 18.50 -1.81
CA GLY C 288 33.17 17.29 -2.61
C GLY C 288 31.91 16.82 -3.31
N LEU C 289 31.16 17.79 -3.86
CA LEU C 289 29.84 17.63 -4.51
C LEU C 289 29.86 18.13 -5.95
N GLY C 290 31.06 18.49 -6.46
CA GLY C 290 31.27 18.90 -7.86
C GLY C 290 30.48 20.15 -8.22
N LEU C 291 30.98 21.30 -7.78
CA LEU C 291 30.35 22.65 -7.93
C LEU C 291 31.39 23.65 -8.47
N GLN C 292 31.01 24.53 -9.43
CA GLN C 292 31.94 25.35 -10.29
C GLN C 292 31.74 26.89 -10.14
N GLY C 293 32.80 27.72 -10.31
CA GLY C 293 32.84 29.21 -10.37
C GLY C 293 33.71 29.86 -9.29
N GLY C 294 34.66 30.79 -9.61
CA GLY C 294 35.69 31.33 -8.67
C GLY C 294 36.98 31.82 -9.38
N ASP D 1 -52.72 -3.98 9.55
CA ASP D 1 -52.56 -2.84 8.61
C ASP D 1 -53.53 -3.04 7.43
N ILE D 2 -53.77 -1.96 6.69
CA ILE D 2 -54.67 -1.87 5.49
C ILE D 2 -54.17 -2.90 4.46
N GLU D 3 -55.07 -3.76 4.00
CA GLU D 3 -54.82 -4.73 2.91
C GLU D 3 -56.08 -4.71 2.02
N LEU D 4 -55.85 -4.74 0.71
CA LEU D 4 -56.84 -4.41 -0.35
C LEU D 4 -57.29 -5.71 -1.05
N THR D 5 -58.60 -5.86 -1.24
CA THR D 5 -59.23 -7.02 -1.92
C THR D 5 -59.70 -6.58 -3.32
N GLN D 6 -59.06 -7.06 -4.40
CA GLN D 6 -59.44 -6.78 -5.82
C GLN D 6 -60.45 -7.81 -6.31
N SER D 7 -61.22 -7.48 -7.35
CA SER D 7 -62.20 -8.38 -8.02
C SER D 7 -62.53 -7.85 -9.40
N PRO D 8 -62.72 -8.73 -10.41
CA PRO D 8 -62.57 -10.18 -10.24
C PRO D 8 -61.11 -10.65 -10.27
N ALA D 9 -60.87 -11.94 -9.94
CA ALA D 9 -59.55 -12.62 -10.00
C ALA D 9 -59.12 -12.78 -11.47
N ILE D 10 -60.05 -13.26 -12.32
CA ILE D 10 -59.88 -13.50 -13.78
C ILE D 10 -61.11 -12.99 -14.52
N MET D 11 -61.10 -11.73 -14.97
CA MET D 11 -62.20 -11.11 -15.78
C MET D 11 -62.17 -11.73 -17.18
N SER D 12 -63.34 -11.80 -17.84
CA SER D 12 -63.53 -12.28 -19.24
C SER D 12 -64.51 -11.35 -19.99
N ALA D 13 -64.06 -10.13 -20.29
CA ALA D 13 -64.84 -9.05 -20.94
C ALA D 13 -64.66 -9.13 -22.47
N SER D 14 -65.75 -8.94 -23.21
CA SER D 14 -65.79 -9.11 -24.69
C SER D 14 -65.50 -7.77 -25.38
N PRO D 15 -65.00 -7.77 -26.64
CA PRO D 15 -64.92 -6.54 -27.44
C PRO D 15 -66.31 -5.96 -27.74
N GLY D 16 -66.60 -4.76 -27.20
CA GLY D 16 -67.91 -4.09 -27.32
C GLY D 16 -68.81 -4.37 -26.13
N GLU D 17 -68.26 -4.23 -24.91
CA GLU D 17 -68.95 -4.42 -23.60
C GLU D 17 -68.35 -3.48 -22.54
N LYS D 18 -69.21 -2.94 -21.69
CA LYS D 18 -68.87 -2.02 -20.56
C LYS D 18 -68.71 -2.88 -19.29
N VAL D 19 -67.55 -2.76 -18.62
CA VAL D 19 -67.18 -3.57 -17.42
C VAL D 19 -66.62 -2.65 -16.33
N THR D 20 -66.79 -3.03 -15.05
CA THR D 20 -66.34 -2.28 -13.84
C THR D 20 -65.64 -3.25 -12.87
N MET D 21 -64.33 -3.07 -12.62
CA MET D 21 -63.53 -3.84 -11.62
C MET D 21 -63.35 -2.98 -10.36
N THR D 22 -63.48 -3.59 -9.18
CA THR D 22 -63.55 -2.88 -7.87
C THR D 22 -62.31 -3.20 -7.04
N CYS D 23 -61.95 -2.29 -6.13
CA CYS D 23 -60.85 -2.43 -5.14
C CYS D 23 -61.36 -1.91 -3.77
N SER D 24 -62.08 -2.75 -3.01
CA SER D 24 -62.69 -2.38 -1.70
C SER D 24 -61.64 -2.43 -0.58
N ALA D 25 -61.66 -1.41 0.27
CA ALA D 25 -60.65 -1.12 1.32
C ALA D 25 -61.19 -1.53 2.69
N SER D 26 -60.28 -1.85 3.62
CA SER D 26 -60.59 -2.21 5.03
C SER D 26 -61.02 -0.96 5.81
N SER D 27 -60.22 0.13 5.81
CA SER D 27 -60.58 1.44 6.44
C SER D 27 -60.81 2.53 5.36
N SER D 28 -61.23 3.74 5.76
CA SER D 28 -61.61 4.87 4.85
C SER D 28 -60.34 5.49 4.26
N VAL D 29 -60.30 5.74 2.94
CA VAL D 29 -59.07 6.09 2.16
C VAL D 29 -59.19 7.51 1.62
N SER D 30 -58.03 8.19 1.44
CA SER D 30 -57.87 9.55 0.87
C SER D 30 -57.86 9.47 -0.67
N TYR D 31 -56.72 9.11 -1.27
CA TYR D 31 -56.55 9.03 -2.75
C TYR D 31 -56.11 7.62 -3.16
N MET D 32 -56.04 7.36 -4.47
CA MET D 32 -55.76 6.04 -5.10
C MET D 32 -55.02 6.21 -6.44
N HIS D 33 -54.21 5.20 -6.84
CA HIS D 33 -53.42 5.14 -8.11
C HIS D 33 -53.51 3.74 -8.75
N TRP D 34 -53.91 3.63 -10.02
CA TRP D 34 -54.03 2.37 -10.82
C TRP D 34 -52.81 2.22 -11.74
N TYR D 35 -52.35 0.98 -11.96
CA TYR D 35 -51.13 0.65 -12.75
C TYR D 35 -51.44 -0.49 -13.71
N GLN D 36 -50.46 -0.92 -14.53
CA GLN D 36 -50.63 -1.94 -15.59
C GLN D 36 -49.28 -2.59 -15.96
N GLN D 37 -49.17 -3.94 -15.90
CA GLN D 37 -47.94 -4.74 -16.15
C GLN D 37 -48.20 -5.77 -17.26
N LYS D 38 -47.32 -5.83 -18.27
CA LYS D 38 -47.32 -6.88 -19.34
C LYS D 38 -46.26 -7.95 -18.98
N SER D 39 -46.68 -9.21 -18.74
CA SER D 39 -45.90 -10.33 -18.15
C SER D 39 -44.43 -10.32 -18.62
N GLY D 40 -43.48 -10.07 -17.69
CA GLY D 40 -42.02 -10.05 -17.97
C GLY D 40 -41.40 -8.68 -17.82
N THR D 41 -41.97 -7.66 -18.50
CA THR D 41 -41.49 -6.25 -18.57
C THR D 41 -41.91 -5.48 -17.30
N SER D 42 -41.80 -4.15 -17.33
CA SER D 42 -42.10 -3.23 -16.20
C SER D 42 -43.53 -2.69 -16.30
N PRO D 43 -44.20 -2.42 -15.16
CA PRO D 43 -45.45 -1.65 -15.12
C PRO D 43 -45.38 -0.22 -15.68
N LYS D 44 -46.54 0.46 -15.76
CA LYS D 44 -46.70 1.85 -16.30
C LYS D 44 -47.83 2.59 -15.56
N ARG D 45 -47.73 3.93 -15.43
CA ARG D 45 -48.73 4.82 -14.77
C ARG D 45 -50.00 4.91 -15.62
N TRP D 46 -51.15 4.42 -15.14
CA TRP D 46 -52.43 4.42 -15.89
C TRP D 46 -53.37 5.50 -15.35
N ILE D 47 -53.77 5.42 -14.06
CA ILE D 47 -54.65 6.41 -13.37
C ILE D 47 -53.96 6.86 -12.08
N TYR D 48 -54.26 8.07 -11.60
CA TYR D 48 -53.76 8.62 -10.31
C TYR D 48 -54.72 9.68 -9.76
N ASP D 49 -54.52 10.07 -8.49
CA ASP D 49 -55.39 11.03 -7.73
C ASP D 49 -56.88 10.73 -8.00
N THR D 50 -57.38 9.61 -7.46
CA THR D 50 -58.77 9.09 -7.59
C THR D 50 -59.15 8.95 -9.07
N SER D 51 -59.50 10.07 -9.70
CA SER D 51 -60.11 10.12 -11.06
C SER D 51 -59.16 10.72 -12.10
N LYS D 52 -58.15 11.51 -11.69
CA LYS D 52 -57.25 12.28 -12.59
C LYS D 52 -56.41 11.34 -13.47
N LEU D 53 -56.75 11.26 -14.76
CA LEU D 53 -56.08 10.42 -15.79
C LEU D 53 -54.66 10.96 -16.08
N ALA D 54 -53.71 10.05 -16.30
CA ALA D 54 -52.31 10.33 -16.70
C ALA D 54 -52.24 10.60 -18.22
N SER D 55 -51.07 10.98 -18.74
CA SER D 55 -50.88 11.59 -20.09
C SER D 55 -50.70 10.52 -21.17
N GLY D 59 -57.91 6.81 -23.39
CA GLY D 59 -59.14 7.63 -23.32
C GLY D 59 -60.40 6.81 -23.50
N ARG D 60 -60.46 5.63 -22.86
CA ARG D 60 -61.68 4.80 -22.66
C ARG D 60 -61.76 4.38 -21.17
N PHE D 61 -60.66 4.54 -20.42
CA PHE D 61 -60.54 4.20 -18.98
C PHE D 61 -60.99 5.40 -18.13
N SER D 62 -61.23 5.16 -16.83
CA SER D 62 -61.66 6.17 -15.82
C SER D 62 -61.55 5.59 -14.39
N GLY D 63 -61.75 6.42 -13.35
CA GLY D 63 -61.74 6.04 -11.92
C GLY D 63 -62.74 6.84 -11.09
N SER D 64 -63.36 6.23 -10.08
CA SER D 64 -64.41 6.85 -9.21
C SER D 64 -64.54 6.09 -7.89
N GLY D 65 -65.13 6.72 -6.86
CA GLY D 65 -65.38 6.12 -5.53
C GLY D 65 -65.50 7.16 -4.42
N SER D 66 -65.77 6.71 -3.20
CA SER D 66 -65.98 7.55 -1.98
C SER D 66 -65.85 6.68 -0.72
N GLY D 67 -64.86 6.96 0.13
CA GLY D 67 -64.64 6.26 1.42
C GLY D 67 -64.01 4.89 1.25
N ASN D 68 -64.83 3.85 1.04
CA ASN D 68 -64.41 2.42 0.96
C ASN D 68 -64.46 1.94 -0.49
N SER D 69 -65.64 2.05 -1.11
CA SER D 69 -65.94 1.62 -2.49
C SER D 69 -65.16 2.51 -3.49
N TYR D 70 -64.26 1.91 -4.27
CA TYR D 70 -63.47 2.56 -5.37
C TYR D 70 -63.26 1.59 -6.53
N SER D 71 -63.52 2.04 -7.77
CA SER D 71 -63.65 1.21 -9.00
C SER D 71 -63.00 1.90 -10.22
N LEU D 72 -62.37 1.12 -11.10
CA LEU D 72 -61.88 1.52 -12.45
C LEU D 72 -62.86 0.97 -13.50
N THR D 73 -63.12 1.73 -14.57
CA THR D 73 -64.13 1.39 -15.63
C THR D 73 -63.50 1.57 -17.03
N ILE D 74 -63.79 0.63 -17.96
CA ILE D 74 -63.39 0.69 -19.40
C ILE D 74 -64.66 0.89 -20.24
N SER D 75 -64.64 1.85 -21.17
CA SER D 75 -65.79 2.25 -22.02
C SER D 75 -65.99 1.26 -23.17
N SER D 76 -64.99 1.12 -24.06
CA SER D 76 -65.01 0.23 -25.25
C SER D 76 -63.77 -0.68 -25.23
N VAL D 77 -63.95 -1.93 -24.80
CA VAL D 77 -62.84 -2.92 -24.66
C VAL D 77 -62.35 -3.30 -26.07
N GLU D 78 -61.02 -3.43 -26.21
CA GLU D 78 -60.32 -3.76 -27.48
C GLU D 78 -59.41 -4.97 -27.24
N ALA D 79 -58.56 -5.32 -28.21
CA ALA D 79 -57.61 -6.45 -28.13
C ALA D 79 -56.19 -5.96 -27.79
N GLU D 80 -56.03 -4.71 -27.31
CA GLU D 80 -54.73 -4.16 -26.83
C GLU D 80 -54.76 -3.88 -25.32
N ASP D 81 -55.87 -4.16 -24.63
CA ASP D 81 -56.11 -3.84 -23.20
C ASP D 81 -56.17 -5.13 -22.36
N ASP D 82 -55.19 -6.02 -22.54
CA ASP D 82 -55.16 -7.38 -21.94
C ASP D 82 -53.90 -7.51 -21.09
N ALA D 83 -54.00 -7.14 -19.80
CA ALA D 83 -52.90 -7.10 -18.81
C ALA D 83 -53.48 -7.20 -17.40
N THR D 84 -52.61 -7.47 -16.41
CA THR D 84 -52.95 -7.52 -14.97
C THR D 84 -53.09 -6.08 -14.48
N TYR D 85 -54.24 -5.71 -13.92
CA TYR D 85 -54.53 -4.36 -13.35
C TYR D 85 -54.48 -4.42 -11.81
N TYR D 86 -53.73 -3.51 -11.20
CA TYR D 86 -53.51 -3.40 -9.72
C TYR D 86 -54.00 -2.04 -9.23
N CYS D 87 -54.21 -1.93 -7.91
CA CYS D 87 -54.63 -0.71 -7.18
C CYS D 87 -53.68 -0.44 -6.00
N GLN D 88 -53.06 0.76 -5.94
CA GLN D 88 -52.14 1.21 -4.85
C GLN D 88 -52.78 2.35 -4.04
N GLN D 89 -52.74 2.24 -2.69
CA GLN D 89 -53.31 3.24 -1.73
C GLN D 89 -52.24 4.26 -1.34
N TRP D 90 -52.66 5.48 -1.01
CA TRP D 90 -51.77 6.60 -0.60
C TRP D 90 -52.43 7.37 0.54
N SER D 91 -52.28 6.84 1.77
CA SER D 91 -52.87 7.37 3.02
C SER D 91 -51.90 7.13 4.18
N LYS D 92 -51.81 5.90 4.70
CA LYS D 92 -50.99 5.53 5.89
C LYS D 92 -49.72 4.82 5.43
N HIS D 93 -48.60 5.07 6.13
CA HIS D 93 -47.38 4.22 6.07
C HIS D 93 -47.75 2.84 6.56
N PRO D 94 -47.40 1.78 5.79
CA PRO D 94 -46.69 1.90 4.54
C PRO D 94 -47.66 1.78 3.34
N LEU D 95 -47.05 1.66 2.15
CA LEU D 95 -47.68 1.52 0.82
C LEU D 95 -47.96 0.05 0.53
N THR D 96 -49.18 -0.29 0.15
CA THR D 96 -49.63 -1.67 -0.20
C THR D 96 -50.41 -1.66 -1.53
N PHE D 97 -50.18 -2.65 -2.40
CA PHE D 97 -50.88 -2.86 -3.70
C PHE D 97 -51.98 -3.91 -3.54
N GLY D 98 -52.77 -4.12 -4.60
CA GLY D 98 -53.84 -5.14 -4.68
C GLY D 98 -53.30 -6.50 -5.12
N SER D 99 -54.12 -7.55 -5.14
CA SER D 99 -53.73 -8.94 -5.49
C SER D 99 -53.60 -9.09 -7.02
N GLY D 100 -54.39 -8.34 -7.80
CA GLY D 100 -54.25 -8.22 -9.27
C GLY D 100 -55.47 -8.73 -10.02
N THR D 101 -56.05 -7.89 -10.89
CA THR D 101 -57.25 -8.19 -11.72
C THR D 101 -56.78 -8.62 -13.12
N LYS D 102 -56.89 -9.92 -13.43
CA LYS D 102 -56.55 -10.48 -14.76
C LYS D 102 -57.73 -10.31 -15.71
N VAL D 103 -57.46 -9.84 -16.93
CA VAL D 103 -58.46 -9.56 -18.00
C VAL D 103 -58.06 -10.37 -19.24
N GLU D 104 -58.76 -11.50 -19.50
CA GLU D 104 -58.61 -12.33 -20.73
C GLU D 104 -59.76 -11.97 -21.70
N ILE D 105 -59.45 -11.67 -22.97
CA ILE D 105 -60.41 -11.18 -24.01
C ILE D 105 -61.21 -12.38 -24.52
N LYS D 106 -62.54 -12.32 -24.42
CA LYS D 106 -63.49 -13.32 -25.00
C LYS D 106 -63.46 -13.22 -26.54
N GLY D 107 -62.81 -14.17 -27.22
CA GLY D 107 -62.59 -14.18 -28.70
C GLY D 107 -63.31 -15.39 -29.32
N VAL D 118 -35.97 9.44 -18.94
CA VAL D 118 -36.01 8.70 -17.65
C VAL D 118 -35.97 7.19 -17.94
N GLN D 119 -34.77 6.62 -18.01
CA GLN D 119 -34.52 5.16 -18.14
C GLN D 119 -33.67 4.67 -16.97
N LEU D 120 -34.17 3.66 -16.25
CA LEU D 120 -33.66 3.18 -14.95
C LEU D 120 -33.20 1.72 -15.13
N GLN D 121 -31.93 1.53 -15.52
CA GLN D 121 -31.32 0.22 -15.92
C GLN D 121 -30.70 -0.43 -14.68
N GLN D 122 -31.20 -1.61 -14.26
CA GLN D 122 -30.70 -2.41 -13.10
C GLN D 122 -29.59 -3.39 -13.56
N SER D 123 -28.99 -4.12 -12.60
CA SER D 123 -27.92 -5.13 -12.82
C SER D 123 -28.55 -6.41 -13.35
N GLY D 124 -27.73 -7.37 -13.73
CA GLY D 124 -28.19 -8.66 -14.27
C GLY D 124 -28.88 -9.53 -13.21
N PRO D 125 -29.77 -10.47 -13.60
CA PRO D 125 -30.32 -11.46 -12.66
C PRO D 125 -29.24 -12.17 -11.84
N GLU D 126 -29.42 -12.33 -10.52
CA GLU D 126 -28.36 -12.87 -9.62
C GLU D 126 -28.81 -14.19 -8.99
N LEU D 127 -27.88 -15.16 -8.94
CA LEU D 127 -28.06 -16.48 -8.30
C LEU D 127 -27.06 -16.59 -7.16
N GLU D 128 -27.52 -17.01 -5.97
CA GLU D 128 -26.66 -17.27 -4.80
C GLU D 128 -27.16 -18.48 -4.00
N LYS D 129 -26.44 -18.80 -2.92
CA LYS D 129 -26.68 -19.92 -1.95
C LYS D 129 -27.50 -19.39 -0.77
N PRO D 130 -28.48 -20.16 -0.20
CA PRO D 130 -29.24 -19.73 0.98
C PRO D 130 -28.32 -19.58 2.21
N GLY D 131 -28.22 -18.36 2.75
CA GLY D 131 -27.23 -18.05 3.81
C GLY D 131 -26.00 -17.34 3.25
N ALA D 132 -26.21 -16.16 2.67
CA ALA D 132 -25.19 -15.22 2.17
C ALA D 132 -25.89 -13.95 1.67
N SER D 133 -25.11 -12.97 1.19
CA SER D 133 -25.59 -11.61 0.82
C SER D 133 -25.19 -11.22 -0.61
N VAL D 134 -25.87 -10.22 -1.19
CA VAL D 134 -25.65 -9.68 -2.56
C VAL D 134 -26.13 -8.22 -2.65
N LYS D 135 -25.47 -7.41 -3.48
CA LYS D 135 -25.87 -6.01 -3.79
C LYS D 135 -26.34 -5.93 -5.25
N ILE D 136 -27.54 -5.40 -5.48
CA ILE D 136 -28.05 -5.07 -6.85
C ILE D 136 -28.15 -3.56 -7.03
N SER D 137 -27.90 -3.07 -8.25
CA SER D 137 -27.73 -1.64 -8.60
C SER D 137 -28.84 -1.15 -9.52
N CYS D 138 -28.93 0.19 -9.69
CA CYS D 138 -30.01 0.92 -10.42
C CYS D 138 -29.54 2.35 -10.74
N LYS D 139 -29.06 2.60 -11.98
CA LYS D 139 -28.48 3.92 -12.42
C LYS D 139 -29.55 4.77 -13.13
N ALA D 140 -29.50 6.08 -12.87
CA ALA D 140 -30.40 7.12 -13.43
C ALA D 140 -29.59 8.23 -14.10
N SER D 141 -30.19 8.86 -15.12
CA SER D 141 -29.70 10.06 -15.84
C SER D 141 -30.84 10.59 -16.75
N GLY D 142 -31.02 11.91 -16.80
CA GLY D 142 -32.09 12.60 -17.56
C GLY D 142 -32.90 13.54 -16.68
N TYR D 143 -32.45 13.79 -15.46
CA TYR D 143 -33.12 14.67 -14.47
C TYR D 143 -32.19 14.88 -13.26
N SER D 144 -32.48 15.95 -12.52
CA SER D 144 -31.81 16.34 -11.25
C SER D 144 -32.07 15.27 -10.18
N PHE D 145 -31.04 14.52 -9.77
CA PHE D 145 -31.16 13.27 -8.97
C PHE D 145 -31.51 13.53 -7.50
N THR D 146 -31.21 14.72 -6.96
CA THR D 146 -31.34 15.09 -5.51
C THR D 146 -32.50 16.08 -5.27
N GLY D 147 -33.70 15.67 -5.74
CA GLY D 147 -34.99 16.36 -5.51
C GLY D 147 -36.15 15.37 -5.39
N TYR D 148 -36.15 14.33 -6.24
CA TYR D 148 -37.07 13.15 -6.22
C TYR D 148 -36.50 12.06 -5.30
N THR D 149 -37.13 10.87 -5.27
CA THR D 149 -36.79 9.72 -4.38
C THR D 149 -36.19 8.58 -5.20
N MET D 150 -36.18 7.38 -4.61
CA MET D 150 -35.91 6.09 -5.29
C MET D 150 -36.60 4.97 -4.47
N ASN D 151 -37.57 4.27 -5.07
CA ASN D 151 -38.50 3.29 -4.41
C ASN D 151 -38.27 1.86 -4.93
N TRP D 152 -38.33 0.88 -4.03
CA TRP D 152 -38.08 -0.56 -4.28
C TRP D 152 -39.34 -1.36 -3.92
N VAL D 153 -39.82 -2.20 -4.84
CA VAL D 153 -41.06 -3.02 -4.69
C VAL D 153 -40.73 -4.50 -4.94
N LYS D 154 -41.51 -5.45 -4.35
CA LYS D 154 -41.30 -6.92 -4.47
C LYS D 154 -42.46 -7.59 -5.22
N GLN D 155 -42.24 -8.04 -6.46
CA GLN D 155 -43.19 -8.86 -7.27
C GLN D 155 -42.82 -10.35 -7.08
N SER D 156 -43.46 -11.07 -6.14
CA SER D 156 -43.21 -12.53 -5.87
C SER D 156 -43.94 -13.43 -6.89
N HIS D 157 -43.50 -14.69 -7.13
CA HIS D 157 -44.30 -15.72 -7.86
C HIS D 157 -45.58 -16.05 -7.07
N GLY D 158 -46.76 -15.77 -7.64
CA GLY D 158 -48.05 -16.26 -7.11
C GLY D 158 -48.76 -15.15 -6.33
N LYS D 159 -48.00 -14.34 -5.58
CA LYS D 159 -48.49 -13.19 -4.78
C LYS D 159 -48.54 -11.94 -5.68
N SER D 160 -48.31 -10.76 -5.10
CA SER D 160 -48.54 -9.42 -5.72
C SER D 160 -47.33 -8.52 -5.49
N LEU D 161 -47.49 -7.22 -5.74
CA LEU D 161 -46.46 -6.19 -5.45
C LEU D 161 -46.51 -5.83 -3.94
N GLU D 162 -45.36 -5.82 -3.27
CA GLU D 162 -45.16 -5.34 -1.87
C GLU D 162 -44.02 -4.30 -1.86
N TRP D 163 -44.28 -3.11 -1.33
CA TRP D 163 -43.31 -1.98 -1.30
C TRP D 163 -42.34 -2.17 -0.14
N ILE D 164 -41.05 -2.29 -0.45
CA ILE D 164 -39.97 -2.57 0.55
C ILE D 164 -39.67 -1.27 1.28
N GLY D 165 -39.12 -0.31 0.55
CA GLY D 165 -38.68 0.97 1.12
C GLY D 165 -38.39 1.98 0.03
N LEU D 166 -37.80 3.11 0.40
CA LEU D 166 -37.35 4.19 -0.51
C LEU D 166 -36.19 4.95 0.12
N ILE D 167 -35.62 5.90 -0.60
CA ILE D 167 -34.56 6.77 -0.03
C ILE D 167 -34.47 8.07 -0.84
N THR D 168 -34.42 9.24 -0.15
CA THR D 168 -34.08 10.57 -0.73
C THR D 168 -32.56 10.66 -0.82
N PRO D 169 -31.96 10.50 -2.03
CA PRO D 169 -30.52 10.38 -2.12
C PRO D 169 -29.77 11.46 -1.31
N TYR D 170 -30.14 12.76 -1.45
CA TYR D 170 -29.31 13.90 -1.02
C TYR D 170 -28.80 13.65 0.41
N ASN D 171 -29.82 13.48 1.25
CA ASN D 171 -29.77 13.51 2.72
C ASN D 171 -29.44 12.10 3.27
N GLY D 172 -29.39 11.06 2.43
CA GLY D 172 -29.16 9.66 2.83
C GLY D 172 -30.37 9.08 3.57
N ALA D 173 -31.43 9.88 3.67
CA ALA D 173 -32.65 9.65 4.48
C ALA D 173 -33.46 8.56 3.79
N SER D 174 -33.79 7.53 4.57
CA SER D 174 -34.39 6.26 4.08
C SER D 174 -35.54 5.83 5.01
N SER D 175 -36.70 5.48 4.45
CA SER D 175 -37.84 4.86 5.19
C SER D 175 -38.18 3.52 4.56
N TYR D 176 -38.74 2.60 5.35
CA TYR D 176 -38.96 1.17 5.02
C TYR D 176 -40.36 0.78 5.45
N ASN D 177 -40.92 -0.24 4.79
CA ASN D 177 -42.09 -1.04 5.28
C ASN D 177 -41.57 -2.01 6.34
N GLN D 178 -41.97 -1.86 7.61
CA GLN D 178 -41.26 -2.51 8.74
C GLN D 178 -41.17 -4.03 8.50
N LYS D 179 -42.02 -4.59 7.61
CA LYS D 179 -41.94 -6.01 7.15
C LYS D 179 -40.50 -6.34 6.75
N PHE D 180 -39.76 -5.39 6.20
CA PHE D 180 -38.44 -5.64 5.54
C PHE D 180 -37.26 -5.04 6.33
N ARG D 181 -37.53 -4.24 7.38
CA ARG D 181 -36.46 -3.66 8.23
C ARG D 181 -35.58 -4.86 8.62
N GLY D 182 -34.33 -4.88 8.13
CA GLY D 182 -33.29 -5.86 8.53
C GLY D 182 -32.92 -6.82 7.40
N LYS D 183 -33.88 -7.12 6.54
CA LYS D 183 -33.60 -7.86 5.27
C LYS D 183 -33.08 -6.86 4.24
N ALA D 184 -33.46 -5.59 4.37
CA ALA D 184 -33.21 -4.50 3.38
C ALA D 184 -32.23 -3.44 3.93
N THR D 185 -31.30 -3.02 3.06
CA THR D 185 -30.28 -1.95 3.27
C THR D 185 -30.16 -1.13 1.97
N LEU D 186 -30.81 0.04 1.91
CA LEU D 186 -30.79 0.97 0.74
C LEU D 186 -29.63 1.96 0.86
N THR D 187 -28.69 1.93 -0.08
CA THR D 187 -27.46 2.78 -0.10
C THR D 187 -27.43 3.57 -1.41
N VAL D 188 -26.68 4.68 -1.45
CA VAL D 188 -26.64 5.64 -2.60
C VAL D 188 -25.21 6.23 -2.71
N ASP D 189 -24.74 6.51 -3.95
CA ASP D 189 -23.57 7.37 -4.30
C ASP D 189 -24.01 8.39 -5.36
N LYS D 190 -24.06 9.68 -4.99
CA LYS D 190 -24.69 10.79 -5.74
C LYS D 190 -23.88 11.11 -7.02
N SER D 191 -22.58 10.84 -7.03
CA SER D 191 -21.60 11.21 -8.08
C SER D 191 -21.95 10.50 -9.41
N SER D 192 -22.18 9.19 -9.34
CA SER D 192 -22.59 8.35 -10.49
C SER D 192 -24.11 8.27 -10.60
N SER D 193 -24.84 8.71 -9.55
CA SER D 193 -26.34 8.73 -9.45
C SER D 193 -26.88 7.31 -9.63
N THR D 194 -26.26 6.32 -8.98
CA THR D 194 -26.57 4.86 -9.05
C THR D 194 -26.87 4.34 -7.64
N ALA D 195 -28.15 4.07 -7.35
CA ALA D 195 -28.68 3.63 -6.03
C ALA D 195 -28.57 2.11 -5.94
N TYR D 196 -28.23 1.59 -4.75
CA TYR D 196 -27.98 0.15 -4.45
C TYR D 196 -28.99 -0.35 -3.41
N MET D 197 -29.42 -1.61 -3.52
CA MET D 197 -30.08 -2.37 -2.42
C MET D 197 -29.18 -3.54 -2.05
N ASP D 198 -29.11 -3.84 -0.75
CA ASP D 198 -28.25 -4.90 -0.18
C ASP D 198 -29.18 -5.90 0.54
N LEU D 199 -29.46 -7.03 -0.10
CA LEU D 199 -30.28 -8.11 0.48
C LEU D 199 -29.36 -9.04 1.27
N LEU D 200 -29.61 -9.17 2.59
CA LEU D 200 -28.76 -9.94 3.53
C LEU D 200 -29.44 -11.27 3.89
N SER D 201 -28.71 -12.40 3.83
CA SER D 201 -29.15 -13.78 4.19
C SER D 201 -30.43 -14.16 3.43
N LEU D 202 -30.28 -14.87 2.31
CA LEU D 202 -31.38 -15.14 1.33
C LEU D 202 -32.02 -16.52 1.56
N THR D 203 -33.33 -16.64 1.30
CA THR D 203 -34.16 -17.86 1.51
C THR D 203 -34.86 -18.28 0.21
N SER D 204 -35.57 -19.43 0.21
CA SER D 204 -36.31 -19.97 -0.96
C SER D 204 -37.61 -19.19 -1.15
N GLU D 205 -38.07 -18.45 -0.13
CA GLU D 205 -39.21 -17.49 -0.19
C GLU D 205 -38.83 -16.28 -1.08
N ASP D 206 -37.67 -15.67 -0.79
CA ASP D 206 -37.24 -14.34 -1.31
C ASP D 206 -36.86 -14.44 -2.78
N SER D 207 -36.61 -15.65 -3.31
CA SER D 207 -36.40 -15.92 -4.77
C SER D 207 -37.57 -15.32 -5.57
N ALA D 208 -37.43 -14.06 -5.99
CA ALA D 208 -38.49 -13.21 -6.59
C ALA D 208 -37.86 -12.12 -7.45
N VAL D 209 -38.73 -11.27 -8.03
CA VAL D 209 -38.34 -10.09 -8.86
C VAL D 209 -38.33 -8.86 -7.94
N TYR D 210 -37.54 -7.85 -8.34
CA TYR D 210 -37.28 -6.58 -7.59
C TYR D 210 -37.10 -5.39 -8.56
N PHE D 211 -37.99 -4.41 -8.41
CA PHE D 211 -38.11 -3.22 -9.28
C PHE D 211 -37.74 -1.95 -8.48
N CYS D 212 -36.77 -1.18 -8.99
CA CYS D 212 -36.45 0.21 -8.54
C CYS D 212 -37.25 1.23 -9.37
N ALA D 213 -37.94 2.16 -8.70
CA ALA D 213 -38.84 3.15 -9.34
C ALA D 213 -38.60 4.54 -8.78
N ARG D 214 -38.79 5.57 -9.60
CA ARG D 214 -38.72 6.99 -9.17
C ARG D 214 -40.13 7.48 -8.83
N GLY D 215 -40.28 8.17 -7.69
CA GLY D 215 -41.52 8.88 -7.28
C GLY D 215 -41.72 10.16 -8.08
N GLY D 216 -42.95 10.47 -8.47
CA GLY D 216 -43.30 11.64 -9.32
C GLY D 216 -43.34 12.94 -8.54
N TYR D 217 -43.70 14.05 -9.19
CA TYR D 217 -43.78 15.42 -8.60
C TYR D 217 -44.96 15.49 -7.62
N ASP D 218 -44.71 15.95 -6.38
CA ASP D 218 -45.69 16.10 -5.27
C ASP D 218 -46.34 14.75 -4.97
N GLY D 219 -45.52 13.69 -4.94
CA GLY D 219 -45.91 12.31 -4.59
C GLY D 219 -47.10 11.81 -5.41
N ARG D 220 -47.09 12.04 -6.72
CA ARG D 220 -48.13 11.57 -7.68
C ARG D 220 -47.67 10.22 -8.25
N GLY D 221 -47.53 9.19 -7.40
CA GLY D 221 -47.28 7.77 -7.80
C GLY D 221 -45.89 7.55 -8.36
N PHE D 222 -45.57 6.30 -8.75
CA PHE D 222 -44.30 5.91 -9.42
C PHE D 222 -44.53 5.87 -10.94
N ASP D 223 -44.33 7.00 -11.65
CA ASP D 223 -44.73 7.17 -13.08
C ASP D 223 -43.73 6.46 -14.01
N TYR D 224 -42.55 6.08 -13.50
CA TYR D 224 -41.49 5.35 -14.23
C TYR D 224 -40.94 4.21 -13.38
N TRP D 225 -40.92 3.00 -13.95
CA TRP D 225 -40.35 1.77 -13.34
C TRP D 225 -39.14 1.31 -14.14
N GLY D 226 -38.28 0.50 -13.51
CA GLY D 226 -36.99 0.06 -14.07
C GLY D 226 -37.12 -1.27 -14.79
N SER D 227 -35.99 -1.84 -15.22
CA SER D 227 -35.89 -3.06 -16.06
C SER D 227 -36.46 -4.28 -15.33
N GLY D 228 -35.74 -4.78 -14.31
CA GLY D 228 -36.11 -5.94 -13.50
C GLY D 228 -34.94 -6.86 -13.26
N THR D 229 -34.57 -7.05 -11.98
CA THR D 229 -33.48 -7.95 -11.52
C THR D 229 -34.09 -9.06 -10.66
N PRO D 230 -34.51 -10.20 -11.27
CA PRO D 230 -34.93 -11.37 -10.51
C PRO D 230 -33.79 -11.96 -9.69
N VAL D 231 -34.12 -12.68 -8.62
CA VAL D 231 -33.13 -13.34 -7.70
C VAL D 231 -33.50 -14.80 -7.52
N THR D 232 -32.50 -15.67 -7.39
CA THR D 232 -32.69 -17.14 -7.33
C THR D 232 -31.81 -17.74 -6.25
N VAL D 233 -32.39 -18.56 -5.38
CA VAL D 233 -31.73 -18.99 -4.12
C VAL D 233 -31.79 -20.52 -4.04
N SER D 234 -30.65 -21.22 -4.18
CA SER D 234 -30.57 -22.72 -4.12
C SER D 234 -29.15 -23.20 -3.75
#